data_5VZT
#
_entry.id   5VZT
#
_cell.length_a   87.521
_cell.length_b   156.310
_cell.length_c   154.596
_cell.angle_alpha   90.000
_cell.angle_beta   103.620
_cell.angle_gamma   90.000
#
_symmetry.space_group_name_H-M   'C 1 2 1'
#
loop_
_entity.id
_entity.type
_entity.pdbx_description
1 polymer 'S-phase kinase-associated protein 1'
2 polymer 'F-box only protein 31'
3 non-polymer 'ZINC ION'
4 non-polymer 2,3-DIHYDROXY-1,4-DITHIOBUTANE
5 non-polymer 'PHOSPHATE ION'
6 water water
#
loop_
_entity_poly.entity_id
_entity_poly.type
_entity_poly.pdbx_seq_one_letter_code
_entity_poly.pdbx_strand_id
1 'polypeptide(L)'
;MASIKLQSSDGEIFEVDVEIAKQSVTIKTMLEDLGMDPVPLPNVNAAILKKVIQWCTHHKDDPGGSGTDDIPVWDQEFLK
VDQGTLFELILAANYLDIKGLLDVTCKTVANMIKGKTPEEIRKTFNIKNDFTEEEEAQVRKENQWCEEK
;
A,C
2 'polypeptide(L)'
;MASWSHPQFEKSGRSLLELPPELLVEIFASLPGTDLPSLAQVCTKFRRILHTDTIWRRRCREEYGVCENLRKLEITGVSC
RDVYAKLLHRYRHILGLWQPDIGPYGGLLNVVVDGLFIIGWMYLPPHDPHVDDPMRFKPLFRIHLMERKAATVECMYGHK
GPHHGHIQIVKKDEFSTKCNQTDHHRMSGGRQEEFRTWLREEWGRTLEDIFHEHMQELILMKFIYTSQYDNCLTYRRIYL
PPSRPDDLIKPGLFKGTYGSHGLEIVMLSFHGRRARGTKITGDPNIPAGQQTVEIDLRHRIQLPDLENQRNFNELSRIVL
EVRERVRQEQQEGGHEAGEGRGRQGPRESQPSPAQPRAEAPSKGPDGTPGEDGGEPGDAVAAAEQPAQCGQGQPFVLPVG
VSSRNEDYPRTCRMCFYGTGLIAGHGFTSPERTPGVFILFDEDRFGFVWLELKSFSLYSRVQATFRNADAPSPQAFDEML
KNIQSLTS
;
B,D
#
# COMPACT_ATOMS: atom_id res chain seq x y z
N ALA A 2 -36.62 31.57 -4.44
CA ALA A 2 -35.36 30.77 -4.64
C ALA A 2 -34.07 31.64 -4.64
N SER A 3 -34.13 32.93 -5.04
CA SER A 3 -32.92 33.81 -5.07
C SER A 3 -33.00 35.16 -4.33
N ILE A 4 -31.95 35.48 -3.55
CA ILE A 4 -31.85 36.83 -2.95
C ILE A 4 -30.49 37.50 -3.18
N LYS A 5 -30.41 38.80 -2.87
CA LYS A 5 -29.24 39.57 -3.28
C LYS A 5 -28.41 39.82 -2.06
N LEU A 6 -27.11 39.62 -2.16
CA LEU A 6 -26.19 39.93 -1.07
C LEU A 6 -25.21 41.02 -1.46
N GLN A 7 -24.95 41.95 -0.56
CA GLN A 7 -24.03 43.01 -0.84
C GLN A 7 -22.79 43.01 0.04
N SER A 8 -21.69 42.86 -0.68
CA SER A 8 -20.32 42.94 -0.16
C SER A 8 -20.01 44.34 0.49
N SER A 9 -19.02 44.37 1.39
CA SER A 9 -18.58 45.59 2.08
C SER A 9 -18.22 46.72 1.11
N ASP A 10 -17.82 46.29 -0.09
CA ASP A 10 -17.30 47.16 -1.15
C ASP A 10 -18.08 47.05 -2.46
N GLY A 11 -19.39 46.92 -2.34
CA GLY A 11 -20.29 47.17 -3.45
C GLY A 11 -20.72 46.05 -4.34
N GLU A 12 -19.91 45.02 -4.53
CA GLU A 12 -20.30 43.96 -5.46
C GLU A 12 -21.56 43.20 -4.98
N ILE A 13 -22.52 42.93 -5.87
CA ILE A 13 -23.81 42.27 -5.55
C ILE A 13 -23.76 40.79 -5.98
N PHE A 14 -24.29 39.87 -5.19
CA PHE A 14 -24.30 38.43 -5.53
C PHE A 14 -25.73 37.89 -5.44
N GLU A 15 -26.20 37.23 -6.49
CA GLU A 15 -27.53 36.62 -6.50
C GLU A 15 -27.30 35.22 -5.91
N VAL A 16 -27.86 34.95 -4.75
CA VAL A 16 -27.62 33.66 -4.11
C VAL A 16 -28.92 33.02 -3.78
N ASP A 17 -28.96 31.70 -3.90
CA ASP A 17 -30.11 30.92 -3.50
C ASP A 17 -30.49 31.02 -2.01
N VAL A 18 -31.77 31.27 -1.78
CA VAL A 18 -32.31 31.51 -0.45
C VAL A 18 -31.75 30.52 0.50
N GLU A 19 -31.83 29.26 0.13
CA GLU A 19 -31.54 28.20 1.12
C GLU A 19 -30.06 28.01 1.34
N ILE A 20 -29.26 28.34 0.33
CA ILE A 20 -27.85 28.49 0.54
C ILE A 20 -27.60 29.70 1.43
N ALA A 21 -28.29 30.77 1.17
CA ALA A 21 -27.93 31.96 1.90
C ALA A 21 -28.25 31.78 3.36
N LYS A 22 -29.29 31.04 3.67
CA LYS A 22 -29.75 30.93 5.06
C LYS A 22 -28.95 29.99 5.93
N GLN A 23 -27.89 29.42 5.40
CA GLN A 23 -26.95 28.71 6.28
C GLN A 23 -26.24 29.72 7.18
N SER A 24 -26.31 30.99 6.81
CA SER A 24 -25.77 32.00 7.60
C SER A 24 -26.90 32.47 8.39
N VAL A 25 -26.87 32.27 9.68
CA VAL A 25 -28.01 32.66 10.52
C VAL A 25 -28.12 34.18 10.53
N THR A 26 -27.01 34.87 10.33
CA THR A 26 -27.07 36.32 10.34
C THR A 26 -27.87 36.87 9.19
N ILE A 27 -27.55 36.43 8.00
CA ILE A 27 -28.31 36.76 6.82
C ILE A 27 -29.78 36.39 6.91
N LYS A 28 -30.06 35.22 7.46
CA LYS A 28 -31.44 34.76 7.54
C LYS A 28 -32.24 35.69 8.39
N THR A 29 -31.62 36.20 9.46
CA THR A 29 -32.26 37.21 10.29
C THR A 29 -32.45 38.53 9.50
N MET A 30 -31.46 38.95 8.75
CA MET A 30 -31.60 40.18 8.02
C MET A 30 -32.70 40.08 6.96
N LEU A 31 -32.80 38.92 6.28
CA LEU A 31 -33.84 38.69 5.27
C LEU A 31 -35.28 38.51 5.82
N GLU A 32 -35.46 37.70 6.86
CA GLU A 32 -36.75 37.45 7.40
C GLU A 32 -37.13 38.54 8.37
N ASP A 33 -36.32 38.80 9.36
CA ASP A 33 -36.79 39.68 10.38
C ASP A 33 -36.74 41.11 10.05
N LEU A 34 -35.75 41.51 9.29
CA LEU A 34 -35.55 42.93 8.94
C LEU A 34 -35.95 43.19 7.49
N GLY A 35 -36.21 42.18 6.72
CA GLY A 35 -36.80 42.45 5.45
C GLY A 35 -35.83 43.06 4.46
N MET A 36 -34.57 42.82 4.63
CA MET A 36 -33.67 43.39 3.69
C MET A 36 -33.59 42.56 2.43
N ASP A 37 -33.48 43.23 1.28
CA ASP A 37 -33.13 42.62 0.00
C ASP A 37 -32.79 43.76 -0.96
N PRO A 38 -31.49 44.10 -1.09
CA PRO A 38 -30.32 43.29 -0.81
C PRO A 38 -29.80 43.39 0.63
N VAL A 39 -29.05 42.40 1.08
CA VAL A 39 -28.50 42.36 2.45
C VAL A 39 -27.07 42.99 2.51
N PRO A 40 -26.93 44.19 3.11
CA PRO A 40 -25.59 44.74 3.06
C PRO A 40 -24.75 44.03 4.06
N LEU A 41 -23.60 43.50 3.67
CA LEU A 41 -22.65 42.90 4.63
C LEU A 41 -21.44 43.83 4.82
N PRO A 42 -21.54 44.75 5.78
CA PRO A 42 -20.49 45.74 5.70
C PRO A 42 -19.12 45.16 6.12
N ASN A 43 -19.10 44.00 6.76
CA ASN A 43 -17.82 43.46 7.17
C ASN A 43 -17.19 42.41 6.37
N VAL A 44 -17.70 42.11 5.18
CA VAL A 44 -17.18 41.00 4.46
C VAL A 44 -16.86 41.42 3.08
N ASN A 45 -15.62 41.34 2.68
CA ASN A 45 -15.35 41.78 1.36
C ASN A 45 -15.81 40.75 0.30
N ALA A 46 -15.71 41.09 -0.98
CA ALA A 46 -16.26 40.29 -2.05
C ALA A 46 -15.49 38.98 -2.33
N ALA A 47 -14.18 39.01 -2.32
CA ALA A 47 -13.38 37.78 -2.51
C ALA A 47 -13.72 36.73 -1.44
N ILE A 48 -14.00 37.21 -0.22
CA ILE A 48 -14.31 36.38 0.92
C ILE A 48 -15.72 35.88 0.84
N LEU A 49 -16.67 36.77 0.54
CA LEU A 49 -18.08 36.39 0.27
C LEU A 49 -18.19 35.23 -0.75
N LYS A 50 -17.46 35.34 -1.85
CA LYS A 50 -17.35 34.30 -2.88
C LYS A 50 -17.03 32.95 -2.25
N LYS A 51 -15.92 32.90 -1.54
CA LYS A 51 -15.50 31.63 -0.96
C LYS A 51 -16.56 31.13 0.00
N VAL A 52 -17.07 32.00 0.84
CA VAL A 52 -18.15 31.63 1.72
C VAL A 52 -19.39 31.15 0.95
N ILE A 53 -19.65 31.65 -0.24
CA ILE A 53 -20.79 31.12 -0.99
C ILE A 53 -20.46 29.73 -1.58
N GLN A 54 -19.20 29.53 -2.00
N GLN A 54 -19.21 29.53 -1.99
CA GLN A 54 -18.78 28.20 -2.44
CA GLN A 54 -18.77 28.22 -2.42
C GLN A 54 -19.00 27.17 -1.31
C GLN A 54 -19.00 27.18 -1.30
N TRP A 55 -18.46 27.48 -0.14
CA TRP A 55 -18.51 26.61 0.98
C TRP A 55 -19.97 26.21 1.29
N CYS A 56 -20.80 27.20 1.57
CA CYS A 56 -22.20 26.96 1.89
C CYS A 56 -22.89 26.17 0.80
N THR A 57 -22.58 26.51 -0.46
CA THR A 57 -23.12 25.76 -1.54
C THR A 57 -22.65 24.32 -1.53
N HIS A 58 -21.37 24.06 -1.27
CA HIS A 58 -20.97 22.65 -1.20
C HIS A 58 -21.73 21.95 -0.13
N HIS A 59 -22.01 22.68 0.94
CA HIS A 59 -22.56 22.10 2.18
C HIS A 59 -24.10 22.19 2.29
N LYS A 60 -24.78 22.59 1.21
CA LYS A 60 -26.24 22.85 1.21
C LYS A 60 -27.07 21.70 1.79
N ASP A 61 -26.71 20.47 1.43
CA ASP A 61 -27.37 19.26 1.95
C ASP A 61 -26.45 18.63 2.99
N ASP A 62 -26.95 18.53 4.23
CA ASP A 62 -26.17 18.17 5.42
C ASP A 62 -27.01 17.65 6.61
N PRO A 63 -26.93 16.33 6.90
CA PRO A 63 -27.90 15.62 7.74
C PRO A 63 -27.97 16.14 9.16
N GLY A 67 -20.96 17.29 12.46
CA GLY A 67 -20.71 15.94 11.93
C GLY A 67 -19.72 15.19 12.81
N THR A 68 -18.57 14.81 12.23
CA THR A 68 -17.46 14.23 13.00
C THR A 68 -16.50 15.37 13.35
N ASP A 69 -15.28 15.01 13.72
CA ASP A 69 -14.29 15.95 14.24
C ASP A 69 -13.04 16.07 13.34
N ASP A 70 -13.05 15.34 12.23
CA ASP A 70 -11.89 15.19 11.38
C ASP A 70 -12.27 15.81 10.07
N ILE A 71 -11.53 16.85 9.68
CA ILE A 71 -11.84 17.71 8.52
C ILE A 71 -12.00 16.99 7.15
N PRO A 72 -13.23 17.00 6.60
CA PRO A 72 -13.39 16.39 5.27
C PRO A 72 -12.38 16.93 4.24
N VAL A 73 -11.99 16.08 3.32
CA VAL A 73 -11.02 16.42 2.30
C VAL A 73 -11.45 17.63 1.49
N TRP A 74 -12.69 17.64 1.04
CA TRP A 74 -13.13 18.75 0.22
C TRP A 74 -12.87 20.09 0.93
N ASP A 75 -13.20 20.15 2.22
CA ASP A 75 -12.96 21.36 2.97
C ASP A 75 -11.45 21.59 3.21
N GLN A 76 -10.65 20.55 3.32
CA GLN A 76 -9.21 20.78 3.50
C GLN A 76 -8.64 21.53 2.30
N GLU A 77 -9.19 21.16 1.17
CA GLU A 77 -8.79 21.66 -0.10
C GLU A 77 -9.25 23.11 -0.24
N PHE A 78 -10.49 23.37 0.15
CA PHE A 78 -11.02 24.70 0.18
C PHE A 78 -10.12 25.62 1.00
N LEU A 79 -9.56 25.09 2.08
CA LEU A 79 -8.72 25.88 2.96
C LEU A 79 -7.24 25.95 2.59
N LYS A 80 -6.85 25.41 1.43
CA LYS A 80 -5.46 25.56 0.98
C LYS A 80 -5.38 26.96 0.46
N VAL A 81 -5.35 27.90 1.39
CA VAL A 81 -5.18 29.31 1.08
C VAL A 81 -4.17 29.93 2.08
N ASP A 82 -3.88 31.21 1.89
CA ASP A 82 -2.93 31.81 2.77
C ASP A 82 -3.56 32.23 4.07
N GLN A 83 -2.69 32.33 5.07
CA GLN A 83 -3.10 32.65 6.45
C GLN A 83 -4.11 33.75 6.49
N GLY A 84 -3.85 34.82 5.77
CA GLY A 84 -4.65 35.99 5.97
C GLY A 84 -6.05 35.70 5.48
N THR A 85 -6.13 34.99 4.37
CA THR A 85 -7.42 34.56 3.95
C THR A 85 -8.05 33.59 4.95
N LEU A 86 -7.30 32.67 5.49
CA LEU A 86 -7.93 31.80 6.48
C LEU A 86 -8.53 32.59 7.66
N PHE A 87 -7.88 33.62 8.15
CA PHE A 87 -8.46 34.40 9.25
C PHE A 87 -9.60 35.30 8.82
N GLU A 88 -9.60 35.75 7.56
CA GLU A 88 -10.74 36.51 7.07
C GLU A 88 -11.98 35.63 7.03
N LEU A 89 -11.78 34.34 6.73
CA LEU A 89 -12.87 33.36 6.73
C LEU A 89 -13.40 33.12 8.16
N ILE A 90 -12.51 33.01 9.09
CA ILE A 90 -12.94 32.82 10.46
C ILE A 90 -13.84 33.96 10.89
N LEU A 91 -13.37 35.18 10.64
CA LEU A 91 -14.09 36.39 11.00
C LEU A 91 -15.40 36.47 10.22
N ALA A 92 -15.32 36.23 8.92
CA ALA A 92 -16.56 36.21 8.14
C ALA A 92 -17.50 35.16 8.69
N ALA A 93 -16.99 33.98 9.06
CA ALA A 93 -17.86 32.94 9.48
C ALA A 93 -18.43 33.27 10.84
N ASN A 94 -17.71 34.03 11.63
CA ASN A 94 -18.23 34.48 12.96
C ASN A 94 -19.30 35.51 12.77
N TYR A 95 -19.06 36.47 11.87
CA TYR A 95 -20.05 37.54 11.63
C TYR A 95 -21.38 36.93 11.06
N LEU A 96 -21.28 36.03 10.10
CA LEU A 96 -22.43 35.50 9.41
C LEU A 96 -23.08 34.41 10.16
N ASP A 97 -22.43 33.98 11.21
CA ASP A 97 -22.89 32.86 12.04
C ASP A 97 -23.03 31.54 11.26
N ILE A 98 -21.97 31.09 10.61
CA ILE A 98 -22.07 29.79 9.94
C ILE A 98 -21.23 28.77 10.71
N LYS A 99 -21.91 28.05 11.60
CA LYS A 99 -21.24 27.17 12.52
C LYS A 99 -20.26 26.21 11.83
N GLY A 100 -20.69 25.46 10.85
CA GLY A 100 -19.79 24.53 10.16
C GLY A 100 -18.48 25.09 9.69
N LEU A 101 -18.51 26.33 9.20
CA LEU A 101 -17.33 26.97 8.58
C LEU A 101 -16.42 27.50 9.65
N LEU A 102 -17.03 28.10 10.66
CA LEU A 102 -16.27 28.52 11.83
C LEU A 102 -15.51 27.34 12.36
N ASP A 103 -16.17 26.18 12.48
CA ASP A 103 -15.57 25.02 13.17
C ASP A 103 -14.38 24.57 12.39
N VAL A 104 -14.61 24.42 11.10
CA VAL A 104 -13.64 23.86 10.24
C VAL A 104 -12.44 24.80 10.00
N THR A 105 -12.66 26.12 10.03
CA THR A 105 -11.57 27.08 9.90
C THR A 105 -10.76 27.17 11.23
N CYS A 106 -11.46 27.16 12.35
CA CYS A 106 -10.79 27.08 13.64
C CYS A 106 -10.05 25.73 13.86
N LYS A 107 -10.58 24.57 13.47
CA LYS A 107 -9.82 23.34 13.74
C LYS A 107 -8.52 23.47 12.99
N THR A 108 -8.62 24.20 11.89
CA THR A 108 -7.53 24.21 10.95
C THR A 108 -6.40 25.01 11.49
N VAL A 109 -6.72 26.17 12.07
CA VAL A 109 -5.73 26.96 12.81
C VAL A 109 -5.13 26.10 13.92
N ALA A 110 -5.99 25.45 14.71
CA ALA A 110 -5.55 24.58 15.81
C ALA A 110 -4.56 23.48 15.39
N ASN A 111 -4.71 22.89 14.22
CA ASN A 111 -3.78 21.87 13.81
C ASN A 111 -2.38 22.45 13.48
N MET A 112 -2.41 23.71 13.02
CA MET A 112 -1.21 24.52 12.82
C MET A 112 -0.49 24.93 14.11
N ILE A 113 -1.09 24.68 15.27
CA ILE A 113 -0.48 24.95 16.57
C ILE A 113 -0.06 23.64 17.22
N LYS A 114 -0.84 22.58 16.97
CA LYS A 114 -0.61 21.30 17.60
C LYS A 114 0.90 21.00 17.72
N GLY A 115 1.38 20.80 18.93
CA GLY A 115 2.79 20.38 19.19
C GLY A 115 3.96 21.34 19.01
N LYS A 116 3.72 22.57 18.56
CA LYS A 116 4.81 23.55 18.34
C LYS A 116 5.35 24.15 19.59
N THR A 117 6.62 24.51 19.55
CA THR A 117 7.24 25.21 20.65
C THR A 117 6.84 26.68 20.49
N PRO A 118 7.06 27.49 21.55
CA PRO A 118 6.72 28.89 21.41
C PRO A 118 7.41 29.55 20.21
N GLU A 119 8.67 29.20 20.00
N GLU A 119 8.68 29.26 19.93
CA GLU A 119 9.43 29.72 18.87
CA GLU A 119 9.31 29.93 18.78
C GLU A 119 8.68 29.43 17.57
C GLU A 119 8.67 29.45 17.47
N GLU A 120 8.36 28.17 17.32
CA GLU A 120 7.76 27.73 16.04
C GLU A 120 6.38 28.39 15.84
N ILE A 121 5.61 28.46 16.92
CA ILE A 121 4.36 29.17 16.88
C ILE A 121 4.57 30.65 16.44
N ARG A 122 5.49 31.41 17.04
CA ARG A 122 5.71 32.80 16.56
C ARG A 122 6.11 32.93 15.09
N LYS A 123 6.89 31.99 14.59
CA LYS A 123 7.33 32.06 13.20
C LYS A 123 6.17 31.72 12.30
N THR A 124 5.32 30.78 12.71
CA THR A 124 4.24 30.31 11.85
C THR A 124 3.31 31.46 11.55
N PHE A 125 3.02 32.27 12.58
CA PHE A 125 1.97 33.29 12.58
C PHE A 125 2.49 34.75 12.66
N ASN A 126 3.81 34.95 12.53
CA ASN A 126 4.55 36.21 12.79
C ASN A 126 4.05 37.06 13.96
N ILE A 127 4.24 36.48 15.13
CA ILE A 127 3.97 37.14 16.39
C ILE A 127 5.31 37.51 17.06
N LYS A 128 5.41 38.77 17.44
CA LYS A 128 6.58 39.33 18.09
C LYS A 128 6.53 38.91 19.54
N ASN A 129 7.67 38.49 20.02
CA ASN A 129 7.90 38.31 21.43
C ASN A 129 7.95 39.63 22.18
N ASP A 130 6.85 39.94 22.85
CA ASP A 130 6.63 41.26 23.47
C ASP A 130 6.79 41.22 25.02
N PHE A 131 7.32 40.08 25.49
CA PHE A 131 7.67 39.96 26.89
C PHE A 131 8.89 40.81 27.16
N THR A 132 8.89 41.39 28.34
CA THR A 132 10.12 41.90 28.98
C THR A 132 11.03 40.75 29.48
N GLU A 133 12.25 41.06 29.86
CA GLU A 133 13.12 40.01 30.39
C GLU A 133 12.52 39.33 31.63
N GLU A 134 11.96 40.12 32.55
CA GLU A 134 11.28 39.54 33.75
C GLU A 134 10.03 38.72 33.44
N GLU A 135 9.06 39.34 32.80
CA GLU A 135 7.90 38.61 32.35
C GLU A 135 8.26 37.26 31.70
N GLU A 136 9.26 37.22 30.84
CA GLU A 136 9.50 36.00 30.08
C GLU A 136 9.99 34.92 31.00
N ALA A 137 10.87 35.30 31.93
CA ALA A 137 11.29 34.43 33.04
C ALA A 137 10.05 33.92 33.78
N GLN A 138 9.14 34.86 34.07
CA GLN A 138 7.95 34.52 34.78
C GLN A 138 7.09 33.55 33.94
N VAL A 139 6.91 33.73 32.62
CA VAL A 139 6.02 32.79 31.94
C VAL A 139 6.60 31.41 31.95
N ARG A 140 7.93 31.34 31.75
CA ARG A 140 8.69 30.06 31.69
C ARG A 140 8.41 29.26 32.91
N LYS A 141 8.47 29.93 34.07
CA LYS A 141 8.32 29.29 35.35
C LYS A 141 6.91 28.81 35.53
N GLU A 142 5.98 29.66 35.26
CA GLU A 142 4.57 29.32 35.34
C GLU A 142 4.21 28.10 34.54
N ASN A 143 5.05 27.74 33.55
CA ASN A 143 4.74 26.64 32.63
C ASN A 143 5.77 25.47 32.53
N GLN A 144 6.74 25.50 33.44
N GLN A 144 6.73 25.44 33.47
CA GLN A 144 7.66 24.41 33.64
CA GLN A 144 7.69 24.34 33.56
C GLN A 144 6.86 23.11 33.68
C GLN A 144 7.05 23.01 33.97
N TRP A 145 5.85 23.07 34.53
CA TRP A 145 5.11 21.84 34.74
C TRP A 145 4.86 21.00 33.49
N CYS A 146 4.91 21.61 32.31
N CYS A 146 4.90 21.63 32.32
CA CYS A 146 4.59 20.84 31.10
CA CYS A 146 4.61 20.93 31.04
C CYS A 146 5.68 19.86 30.65
C CYS A 146 5.68 19.89 30.66
N GLU A 147 6.92 20.19 30.98
CA GLU A 147 8.03 19.27 30.67
C GLU A 147 8.18 18.12 31.69
N GLU A 148 7.45 18.15 32.81
CA GLU A 148 7.22 16.95 33.63
C GLU A 148 6.78 15.82 32.72
N LYS A 149 6.92 14.61 33.23
CA LYS A 149 7.21 13.45 32.37
C LYS A 149 6.24 12.28 32.63
N SER B 12 -6.47 40.42 2.34
CA SER B 12 -5.34 41.16 2.99
C SER B 12 -4.85 40.41 4.27
N GLY B 13 -3.77 40.93 4.87
CA GLY B 13 -2.83 40.14 5.69
C GLY B 13 -3.08 39.89 7.18
N ARG B 14 -4.31 39.54 7.59
CA ARG B 14 -4.64 39.34 9.00
C ARG B 14 -3.78 38.33 9.68
N SER B 15 -3.53 38.57 10.96
CA SER B 15 -2.87 37.59 11.78
C SER B 15 -3.81 37.01 12.81
N LEU B 16 -3.34 35.94 13.40
CA LEU B 16 -3.99 35.34 14.54
C LEU B 16 -4.21 36.32 15.66
N LEU B 17 -3.30 37.23 15.82
CA LEU B 17 -3.24 38.08 17.00
C LEU B 17 -4.36 39.14 16.97
N GLU B 18 -4.90 39.40 15.80
CA GLU B 18 -6.05 40.27 15.66
C GLU B 18 -7.40 39.62 15.86
N LEU B 19 -7.49 38.36 16.22
CA LEU B 19 -8.83 37.82 16.43
C LEU B 19 -9.34 38.25 17.82
N PRO B 20 -10.67 38.49 17.91
CA PRO B 20 -11.27 38.82 19.19
C PRO B 20 -10.98 37.70 20.17
N PRO B 21 -10.79 38.07 21.43
CA PRO B 21 -10.51 37.19 22.53
C PRO B 21 -11.42 35.95 22.58
N GLU B 22 -12.69 36.15 22.29
CA GLU B 22 -13.69 35.08 22.37
C GLU B 22 -13.43 33.90 21.33
N LEU B 23 -12.95 34.29 20.16
CA LEU B 23 -12.62 33.36 19.12
C LEU B 23 -11.35 32.61 19.49
N LEU B 24 -10.34 33.36 19.87
CA LEU B 24 -9.15 32.79 20.39
C LEU B 24 -9.45 31.79 21.54
N VAL B 25 -10.20 32.21 22.55
CA VAL B 25 -10.58 31.21 23.57
C VAL B 25 -11.21 29.95 22.94
N GLU B 26 -12.04 30.09 21.88
CA GLU B 26 -12.73 28.93 21.29
C GLU B 26 -11.64 28.01 20.88
N ILE B 27 -10.79 28.49 19.97
CA ILE B 27 -9.67 27.74 19.40
C ILE B 27 -8.69 27.12 20.42
N PHE B 28 -8.32 27.90 21.42
CA PHE B 28 -7.40 27.38 22.43
C PHE B 28 -8.13 26.27 23.21
N ALA B 29 -9.42 26.47 23.53
CA ALA B 29 -10.19 25.47 24.34
C ALA B 29 -10.37 24.17 23.67
N SER B 30 -10.22 24.17 22.35
CA SER B 30 -10.20 22.99 21.51
C SER B 30 -8.88 22.18 21.42
N LEU B 31 -7.75 22.74 21.83
CA LEU B 31 -6.42 22.07 21.69
C LEU B 31 -6.09 21.20 22.90
N PRO B 32 -5.17 20.22 22.72
CA PRO B 32 -4.64 19.51 23.95
C PRO B 32 -4.08 20.47 25.01
N GLY B 33 -4.39 20.22 26.26
CA GLY B 33 -3.84 21.00 27.38
C GLY B 33 -2.33 21.17 27.35
N THR B 34 -1.63 20.18 26.82
CA THR B 34 -0.18 20.20 26.74
C THR B 34 0.36 21.12 25.69
N ASP B 35 -0.51 21.72 24.89
CA ASP B 35 -0.15 22.75 23.91
C ASP B 35 -0.45 24.15 24.45
N LEU B 36 -1.37 24.24 25.38
CA LEU B 36 -1.58 25.50 26.06
C LEU B 36 -0.36 26.15 26.68
N PRO B 37 0.53 25.38 27.33
CA PRO B 37 1.64 26.07 27.94
C PRO B 37 2.62 26.66 26.90
N SER B 38 2.76 26.09 25.70
CA SER B 38 3.57 26.79 24.64
C SER B 38 2.91 28.05 24.16
N LEU B 39 1.59 28.03 24.10
CA LEU B 39 0.84 29.13 23.56
C LEU B 39 0.99 30.23 24.54
N ALA B 40 0.92 29.89 25.81
CA ALA B 40 1.14 30.88 26.88
C ALA B 40 2.48 31.66 26.87
N GLN B 41 3.52 31.11 26.23
CA GLN B 41 4.86 31.69 26.20
C GLN B 41 5.16 32.39 24.91
N VAL B 42 4.19 32.43 24.04
CA VAL B 42 4.38 33.06 22.73
C VAL B 42 4.30 34.53 22.87
N CYS B 43 3.34 35.03 23.65
CA CYS B 43 3.18 36.45 23.82
C CYS B 43 2.29 36.87 25.05
N THR B 44 2.45 38.09 25.46
CA THR B 44 1.55 38.81 26.39
C THR B 44 0.03 38.52 26.34
N LYS B 45 -0.58 38.64 25.15
CA LYS B 45 -2.02 38.43 24.93
C LYS B 45 -2.40 36.97 25.18
N PHE B 46 -1.59 36.05 24.66
CA PHE B 46 -1.91 34.63 24.95
C PHE B 46 -1.75 34.25 26.41
N ARG B 47 -0.70 34.70 27.07
CA ARG B 47 -0.61 34.45 28.53
C ARG B 47 -1.88 34.93 29.27
N ARG B 48 -2.32 36.13 28.94
N ARG B 48 -2.31 36.16 28.99
CA ARG B 48 -3.47 36.76 29.59
CA ARG B 48 -3.53 36.72 29.64
C ARG B 48 -4.76 36.00 29.30
C ARG B 48 -4.69 35.80 29.33
N ILE B 49 -4.90 35.54 28.06
CA ILE B 49 -6.08 34.82 27.62
C ILE B 49 -6.17 33.46 28.25
N LEU B 50 -4.99 32.84 28.37
CA LEU B 50 -4.90 31.53 28.94
C LEU B 50 -5.12 31.50 30.46
N HIS B 51 -5.35 32.66 31.10
N HIS B 51 -5.30 32.66 31.10
CA HIS B 51 -5.92 32.66 32.47
CA HIS B 51 -5.85 32.66 32.44
C HIS B 51 -7.41 32.43 32.53
C HIS B 51 -7.24 31.97 32.42
N THR B 52 -8.04 32.25 31.39
CA THR B 52 -9.48 31.99 31.39
C THR B 52 -9.81 30.56 31.81
N ASP B 53 -10.37 30.40 33.00
CA ASP B 53 -10.61 29.04 33.43
C ASP B 53 -11.46 28.18 32.51
N THR B 54 -12.35 28.76 31.70
CA THR B 54 -13.25 27.86 30.92
C THR B 54 -12.44 26.92 30.10
N ILE B 55 -11.35 27.45 29.58
CA ILE B 55 -10.49 26.69 28.70
C ILE B 55 -9.98 25.45 29.40
N TRP B 56 -9.52 25.60 30.65
CA TRP B 56 -8.92 24.49 31.42
C TRP B 56 -9.99 23.58 31.98
N ARG B 57 -11.19 24.09 32.14
CA ARG B 57 -12.30 23.30 32.70
C ARG B 57 -12.73 22.27 31.69
N ARG B 58 -12.75 22.71 30.41
CA ARG B 58 -12.89 21.81 29.23
C ARG B 58 -11.72 20.84 29.07
N ARG B 59 -10.49 21.28 29.36
CA ARG B 59 -9.34 20.42 29.18
C ARG B 59 -9.41 19.29 30.21
N CYS B 60 -9.78 19.59 31.45
CA CYS B 60 -9.98 18.51 32.47
C CYS B 60 -11.09 17.48 32.08
N ARG B 61 -12.24 17.99 31.63
CA ARG B 61 -13.37 17.16 31.22
C ARG B 61 -12.94 16.21 30.10
N GLU B 62 -12.44 16.77 28.99
CA GLU B 62 -12.32 15.98 27.79
C GLU B 62 -11.18 15.03 27.88
N GLU B 63 -10.14 15.38 28.62
CA GLU B 63 -8.92 14.58 28.61
C GLU B 63 -8.87 13.61 29.77
N TYR B 64 -9.47 13.99 30.91
CA TYR B 64 -9.41 13.22 32.17
C TYR B 64 -10.81 12.83 32.77
N GLY B 65 -11.90 13.17 32.07
CA GLY B 65 -13.22 12.71 32.44
C GLY B 65 -13.86 13.52 33.56
N VAL B 66 -13.21 14.58 34.05
CA VAL B 66 -13.64 15.19 35.34
C VAL B 66 -14.35 16.47 35.11
N CYS B 67 -15.56 16.58 35.63
CA CYS B 67 -16.27 17.81 35.53
C CYS B 67 -16.19 18.49 36.90
N GLU B 68 -15.38 19.53 37.01
CA GLU B 68 -15.18 20.10 38.32
C GLU B 68 -16.41 20.93 38.69
N ASN B 69 -16.85 20.85 39.94
CA ASN B 69 -17.83 21.84 40.45
C ASN B 69 -17.25 23.30 40.64
N LEU B 70 -18.04 24.24 40.17
CA LEU B 70 -17.73 25.62 40.20
C LEU B 70 -17.78 26.20 41.60
N ARG B 71 -18.82 25.82 42.32
CA ARG B 71 -18.98 26.19 43.71
C ARG B 71 -17.84 25.61 44.58
N LYS B 72 -17.47 24.36 44.35
CA LYS B 72 -16.35 23.74 45.04
C LYS B 72 -15.10 24.51 44.72
N LEU B 73 -14.94 24.87 43.46
CA LEU B 73 -13.79 25.69 43.05
C LEU B 73 -13.64 27.03 43.80
N GLU B 74 -14.77 27.60 44.18
CA GLU B 74 -14.81 28.92 44.75
C GLU B 74 -14.47 28.86 46.23
N ILE B 75 -15.15 27.96 46.93
CA ILE B 75 -14.82 27.65 48.32
C ILE B 75 -13.36 27.29 48.56
N THR B 76 -12.79 26.41 47.73
CA THR B 76 -11.47 25.86 48.01
C THR B 76 -10.36 26.71 47.40
N GLY B 77 -10.75 27.73 46.63
CA GLY B 77 -9.76 28.58 45.94
C GLY B 77 -8.90 27.96 44.84
N VAL B 78 -9.30 26.79 44.36
CA VAL B 78 -8.55 26.04 43.35
C VAL B 78 -9.26 26.30 42.04
N SER B 79 -8.47 26.30 40.99
CA SER B 79 -8.92 26.52 39.68
C SER B 79 -8.61 25.33 38.79
N CYS B 80 -9.27 25.22 37.64
CA CYS B 80 -8.99 24.07 36.74
C CYS B 80 -7.64 24.17 36.07
N ARG B 81 -7.05 25.36 36.00
CA ARG B 81 -5.71 25.47 35.45
C ARG B 81 -4.77 24.73 36.40
N ASP B 82 -5.06 24.92 37.67
CA ASP B 82 -4.32 24.26 38.71
C ASP B 82 -4.49 22.80 38.74
N VAL B 83 -5.72 22.34 38.70
CA VAL B 83 -6.04 20.94 38.64
C VAL B 83 -5.27 20.26 37.51
N TYR B 84 -5.34 20.83 36.30
CA TYR B 84 -4.73 20.17 35.14
C TYR B 84 -3.20 20.01 35.35
N ALA B 85 -2.62 21.11 35.78
CA ALA B 85 -1.18 21.26 35.88
C ALA B 85 -0.59 20.42 37.03
N LYS B 86 -1.22 20.55 38.20
CA LYS B 86 -0.68 20.09 39.48
C LYS B 86 -1.22 18.78 40.03
N LEU B 87 -2.27 18.29 39.42
CA LEU B 87 -2.92 17.03 39.80
C LEU B 87 -2.98 16.10 38.58
N LEU B 88 -3.69 16.54 37.55
CA LEU B 88 -4.01 15.65 36.45
C LEU B 88 -2.74 15.27 35.63
N HIS B 89 -2.09 16.25 35.05
CA HIS B 89 -0.89 16.01 34.27
C HIS B 89 0.30 15.52 35.14
N ARG B 90 0.48 16.13 36.31
CA ARG B 90 1.54 15.72 37.27
C ARG B 90 1.50 14.22 37.60
N TYR B 91 0.31 13.69 37.69
CA TYR B 91 0.12 12.35 38.11
C TYR B 91 -0.47 11.50 37.04
N ARG B 92 -0.40 11.90 35.78
CA ARG B 92 -1.17 11.18 34.76
C ARG B 92 -0.81 9.69 34.66
N HIS B 93 0.41 9.35 35.00
CA HIS B 93 0.96 7.99 34.74
C HIS B 93 0.54 6.89 35.77
N ILE B 94 0.19 7.26 36.99
CA ILE B 94 -0.39 6.34 37.94
C ILE B 94 -1.89 6.14 37.79
N LEU B 95 -2.54 6.86 36.88
CA LEU B 95 -3.97 6.63 36.63
C LEU B 95 -4.12 5.28 35.94
N GLY B 96 -5.23 4.60 36.20
CA GLY B 96 -5.47 3.28 35.60
C GLY B 96 -5.79 2.16 36.58
N LEU B 97 -5.47 0.95 36.15
CA LEU B 97 -5.80 -0.23 36.88
C LEU B 97 -4.48 -0.97 37.20
N TRP B 98 -4.34 -1.51 38.42
CA TRP B 98 -3.03 -1.99 38.85
C TRP B 98 -3.08 -3.26 39.60
N GLN B 99 -1.97 -3.98 39.62
CA GLN B 99 -1.88 -5.13 40.47
C GLN B 99 -0.71 -4.99 41.40
N PRO B 100 -0.93 -5.03 42.72
CA PRO B 100 0.21 -4.90 43.60
C PRO B 100 1.10 -6.11 43.56
N ASP B 101 2.39 -5.90 43.71
CA ASP B 101 3.39 -6.97 43.82
C ASP B 101 3.59 -7.41 45.28
N ILE B 102 2.84 -8.44 45.68
CA ILE B 102 2.78 -8.91 47.06
C ILE B 102 3.00 -10.46 47.08
N GLY B 103 4.23 -10.87 46.77
CA GLY B 103 4.51 -12.29 46.61
C GLY B 103 3.44 -12.90 45.74
N PRO B 104 2.82 -13.97 46.21
CA PRO B 104 1.91 -14.66 45.29
C PRO B 104 0.46 -14.14 45.29
N TYR B 105 0.14 -13.15 46.10
CA TYR B 105 -1.27 -12.90 46.39
C TYR B 105 -1.93 -11.90 45.47
N GLY B 106 -1.18 -11.14 44.67
CA GLY B 106 -1.80 -9.98 43.93
C GLY B 106 -2.80 -9.02 44.64
N GLY B 107 -3.83 -8.61 43.93
CA GLY B 107 -4.72 -7.53 44.36
C GLY B 107 -5.18 -6.70 43.15
N LEU B 108 -6.01 -5.71 43.40
CA LEU B 108 -6.56 -4.86 42.35
C LEU B 108 -6.64 -3.40 42.86
N LEU B 109 -5.91 -2.47 42.26
CA LEU B 109 -6.03 -1.06 42.61
C LEU B 109 -6.48 -0.40 41.34
N ASN B 110 -7.55 0.38 41.45
CA ASN B 110 -7.99 1.31 40.40
C ASN B 110 -7.76 2.74 40.84
N VAL B 111 -6.94 3.48 40.09
CA VAL B 111 -6.49 4.78 40.54
C VAL B 111 -7.18 5.77 39.64
N VAL B 112 -7.83 6.70 40.29
CA VAL B 112 -8.96 7.40 39.75
C VAL B 112 -9.08 8.85 40.21
N VAL B 113 -9.60 9.69 39.34
CA VAL B 113 -9.86 11.13 39.68
C VAL B 113 -11.27 11.37 40.22
N ASP B 114 -11.36 11.87 41.43
CA ASP B 114 -12.59 12.47 41.97
C ASP B 114 -12.31 13.93 42.39
N GLY B 115 -12.96 14.85 41.73
CA GLY B 115 -12.84 16.24 42.08
C GLY B 115 -11.42 16.71 42.13
N LEU B 116 -11.02 17.13 43.31
CA LEU B 116 -9.70 17.69 43.55
C LEU B 116 -8.79 16.60 44.11
N PHE B 117 -9.24 15.34 43.99
CA PHE B 117 -8.48 14.18 44.49
C PHE B 117 -8.10 13.23 43.38
N ILE B 118 -6.99 12.55 43.57
CA ILE B 118 -6.77 11.27 42.91
C ILE B 118 -6.84 10.18 43.99
N ILE B 119 -7.59 9.12 43.73
CA ILE B 119 -7.82 8.09 44.75
C ILE B 119 -7.35 6.72 44.26
N GLY B 120 -6.53 6.07 45.10
CA GLY B 120 -6.05 4.69 44.91
C GLY B 120 -7.03 3.79 45.66
N TRP B 121 -8.01 3.29 44.89
CA TRP B 121 -9.02 2.34 45.41
C TRP B 121 -8.58 0.84 45.30
N MET B 122 -8.53 0.18 46.45
N MET B 122 -8.48 0.16 46.45
CA MET B 122 -8.31 -1.28 46.48
CA MET B 122 -8.24 -1.31 46.43
C MET B 122 -9.65 -1.99 46.43
C MET B 122 -9.55 -2.09 46.52
N TYR B 123 -9.72 -3.01 45.60
CA TYR B 123 -10.92 -3.84 45.48
C TYR B 123 -10.64 -5.26 45.99
N LEU B 124 -11.29 -5.61 47.05
CA LEU B 124 -11.12 -6.91 47.60
C LEU B 124 -12.33 -7.79 47.19
N PRO B 125 -12.15 -9.11 47.13
CA PRO B 125 -13.28 -10.01 46.84
C PRO B 125 -14.26 -10.08 47.99
N PRO B 126 -15.52 -10.50 47.76
CA PRO B 126 -16.49 -10.76 48.87
C PRO B 126 -16.11 -11.95 49.81
N HIS B 127 -16.91 -12.21 50.81
CA HIS B 127 -16.48 -13.21 51.74
C HIS B 127 -16.65 -14.52 51.05
N ASP B 128 -15.73 -15.46 51.29
CA ASP B 128 -15.91 -16.82 50.78
C ASP B 128 -17.18 -17.42 51.44
N PRO B 129 -18.05 -18.13 50.68
CA PRO B 129 -17.93 -18.49 49.27
C PRO B 129 -18.83 -17.69 48.33
N HIS B 130 -19.24 -16.50 48.76
CA HIS B 130 -20.39 -15.79 48.16
C HIS B 130 -19.96 -15.03 46.95
N VAL B 131 -19.80 -15.79 45.91
CA VAL B 131 -19.19 -15.32 44.71
C VAL B 131 -20.08 -14.26 44.01
N ASP B 132 -21.38 -14.19 44.31
CA ASP B 132 -22.32 -13.22 43.64
C ASP B 132 -22.46 -11.86 44.37
N ASP B 133 -22.07 -11.80 45.65
CA ASP B 133 -21.94 -10.56 46.45
C ASP B 133 -20.92 -9.58 45.87
N PRO B 134 -21.08 -8.31 46.13
CA PRO B 134 -20.17 -7.45 45.34
C PRO B 134 -18.84 -7.31 45.99
N MET B 135 -17.88 -6.87 45.18
CA MET B 135 -16.56 -6.49 45.68
C MET B 135 -16.66 -5.46 46.77
N ARG B 136 -15.94 -5.67 47.85
CA ARG B 136 -15.67 -4.66 48.88
C ARG B 136 -14.57 -3.68 48.33
N PHE B 137 -14.55 -2.41 48.74
CA PHE B 137 -13.57 -1.46 48.17
C PHE B 137 -13.18 -0.39 49.18
N LYS B 138 -11.90 -0.09 49.29
CA LYS B 138 -11.47 0.92 50.22
C LYS B 138 -10.28 1.71 49.62
N PRO B 139 -10.07 2.99 50.02
CA PRO B 139 -8.93 3.74 49.51
C PRO B 139 -7.66 3.33 50.18
N LEU B 140 -6.60 3.26 49.42
CA LEU B 140 -5.31 3.02 50.02
C LEU B 140 -4.56 4.28 50.20
N PHE B 141 -4.66 5.15 49.19
CA PHE B 141 -3.98 6.46 49.21
C PHE B 141 -4.83 7.54 48.52
N ARG B 142 -4.58 8.77 48.88
CA ARG B 142 -5.10 9.82 48.07
C ARG B 142 -4.10 10.97 47.85
N ILE B 143 -4.37 11.70 46.79
CA ILE B 143 -3.63 12.86 46.42
C ILE B 143 -4.59 14.03 46.34
N HIS B 144 -4.32 15.06 47.10
CA HIS B 144 -5.22 16.18 47.32
C HIS B 144 -4.55 17.50 46.85
N LEU B 145 -5.21 18.25 45.99
CA LEU B 145 -4.78 19.60 45.61
C LEU B 145 -5.53 20.55 46.47
N MET B 146 -4.81 21.50 47.08
CA MET B 146 -5.42 22.68 47.76
C MET B 146 -4.94 24.06 47.22
N GLU B 147 -5.60 25.14 47.60
CA GLU B 147 -5.18 26.40 46.96
C GLU B 147 -3.74 26.78 47.27
N ARG B 148 -3.04 27.26 46.25
CA ARG B 148 -1.67 27.78 46.36
C ARG B 148 -0.59 26.73 46.60
N LYS B 149 -0.95 25.46 46.75
CA LYS B 149 0.02 24.47 47.21
C LYS B 149 0.21 23.41 46.16
N ALA B 150 1.37 22.77 46.22
CA ALA B 150 1.48 21.47 45.59
C ALA B 150 0.50 20.36 46.19
N ALA B 151 0.07 19.43 45.33
CA ALA B 151 -0.82 18.41 45.78
C ALA B 151 -0.09 17.58 46.80
N THR B 152 -0.81 17.27 47.86
CA THR B 152 -0.35 16.40 48.92
C THR B 152 -0.62 14.93 48.67
N VAL B 153 0.32 14.11 49.11
CA VAL B 153 0.15 12.68 49.10
C VAL B 153 -0.11 12.14 50.50
N GLU B 154 -1.21 11.38 50.65
CA GLU B 154 -1.60 10.80 51.94
C GLU B 154 -1.97 9.32 51.82
N CYS B 155 -1.60 8.55 52.82
CA CYS B 155 -1.95 7.14 52.90
C CYS B 155 -3.23 7.04 53.71
N MET B 156 -4.11 6.16 53.29
CA MET B 156 -5.42 6.02 53.90
C MET B 156 -5.55 4.70 54.63
N TYR B 157 -4.43 4.03 54.88
CA TYR B 157 -4.45 2.76 55.56
C TYR B 157 -3.98 3.09 56.97
N GLY B 158 -4.62 2.59 58.03
CA GLY B 158 -5.78 1.71 57.97
C GLY B 158 -6.95 2.20 58.83
N HIS B 159 -6.76 2.49 60.12
CA HIS B 159 -7.92 2.87 60.92
C HIS B 159 -7.90 4.24 61.59
N LYS B 160 -6.76 4.91 61.59
CA LYS B 160 -6.64 6.13 62.37
C LYS B 160 -6.46 7.37 61.47
N GLY B 161 -7.14 7.33 60.31
CA GLY B 161 -7.27 8.48 59.41
C GLY B 161 -6.13 8.74 58.42
N PRO B 162 -6.37 9.67 57.46
CA PRO B 162 -5.38 10.05 56.43
C PRO B 162 -4.11 10.58 57.05
N HIS B 163 -2.95 10.29 56.45
CA HIS B 163 -1.65 10.67 57.02
C HIS B 163 -0.60 10.64 55.94
N HIS B 164 0.63 11.02 56.28
N HIS B 164 0.63 10.98 56.28
CA HIS B 164 1.62 11.36 55.27
CA HIS B 164 1.59 11.39 55.28
C HIS B 164 1.97 10.15 54.48
C HIS B 164 2.16 10.24 54.51
N GLY B 165 2.11 10.33 53.18
CA GLY B 165 2.67 9.31 52.29
C GLY B 165 3.60 9.85 51.19
N HIS B 166 4.07 8.95 50.35
N HIS B 166 4.09 8.94 50.36
CA HIS B 166 4.83 9.34 49.19
CA HIS B 166 4.94 9.29 49.22
C HIS B 166 4.46 8.44 48.04
C HIS B 166 4.49 8.43 48.04
N ILE B 167 4.67 8.95 46.83
CA ILE B 167 4.55 8.24 45.58
C ILE B 167 5.81 8.44 44.74
N GLN B 168 6.20 7.38 44.04
CA GLN B 168 7.35 7.40 43.15
C GLN B 168 6.91 6.70 41.85
N ILE B 169 6.94 7.44 40.74
CA ILE B 169 6.60 6.89 39.45
C ILE B 169 7.90 6.43 38.86
N VAL B 170 7.97 5.12 38.73
CA VAL B 170 9.19 4.51 38.37
C VAL B 170 9.17 4.68 36.84
N LYS B 171 8.19 4.08 36.15
CA LYS B 171 8.22 4.09 34.70
C LYS B 171 6.87 4.34 34.08
N LYS B 172 6.86 3.97 32.81
CA LYS B 172 5.67 3.60 32.10
C LYS B 172 4.60 3.09 33.09
N ASP B 173 4.88 1.84 33.51
CA ASP B 173 3.82 0.95 34.00
C ASP B 173 4.08 0.36 35.38
N GLU B 174 4.67 1.17 36.25
CA GLU B 174 4.98 0.78 37.60
C GLU B 174 5.06 2.02 38.47
N PHE B 175 4.50 1.92 39.67
CA PHE B 175 4.69 2.98 40.67
C PHE B 175 4.71 2.38 42.03
N SER B 176 5.12 3.19 43.01
CA SER B 176 5.22 2.71 44.39
C SER B 176 4.69 3.73 45.35
N THR B 177 4.14 3.24 46.47
CA THR B 177 3.60 4.07 47.53
C THR B 177 4.51 3.82 48.65
N LYS B 178 4.82 4.83 49.46
CA LYS B 178 5.40 4.63 50.82
C LYS B 178 4.48 5.33 51.80
N CYS B 179 4.51 4.86 53.05
CA CYS B 179 3.77 5.48 54.15
C CYS B 179 4.79 5.93 55.15
N ASN B 180 4.68 7.16 55.65
CA ASN B 180 5.76 7.83 56.41
C ASN B 180 5.52 7.79 57.87
N GLN B 181 4.43 7.12 58.27
CA GLN B 181 3.91 7.22 59.62
C GLN B 181 2.95 6.07 59.88
N THR B 182 3.50 4.88 60.08
CA THR B 182 2.66 3.68 60.19
C THR B 182 1.96 3.48 61.54
N ASP B 183 2.40 4.23 62.52
CA ASP B 183 1.72 4.36 63.77
C ASP B 183 0.21 4.36 63.54
N HIS B 184 -0.28 4.73 62.38
CA HIS B 184 -1.75 4.71 62.13
C HIS B 184 -2.40 3.32 61.77
N HIS B 185 -1.55 2.39 61.33
CA HIS B 185 -2.04 1.06 60.93
C HIS B 185 -2.27 0.22 62.17
N ARG B 186 -1.52 0.57 63.20
CA ARG B 186 -1.61 -0.10 64.50
C ARG B 186 -2.96 0.18 65.17
N MET B 187 -3.28 -0.71 66.09
CA MET B 187 -4.54 -0.68 66.82
C MET B 187 -4.21 -0.94 68.32
N SER B 188 -4.87 -0.18 69.20
CA SER B 188 -4.56 -0.18 70.63
C SER B 188 -4.52 -1.58 71.31
N GLY B 189 -5.27 -2.54 70.81
CA GLY B 189 -5.22 -3.89 71.32
C GLY B 189 -3.91 -4.54 70.94
N GLY B 190 -3.44 -4.21 69.75
CA GLY B 190 -2.16 -4.70 69.28
C GLY B 190 -2.38 -5.38 67.94
N ARG B 191 -1.50 -6.33 67.63
CA ARG B 191 -1.57 -7.13 66.40
C ARG B 191 -2.55 -8.28 66.48
N GLN B 192 -2.94 -8.73 67.67
CA GLN B 192 -4.07 -9.66 67.77
C GLN B 192 -5.30 -9.01 67.14
N GLU B 193 -5.55 -7.75 67.47
CA GLU B 193 -6.78 -7.08 67.03
C GLU B 193 -6.73 -6.74 65.57
N GLU B 194 -5.60 -6.18 65.11
CA GLU B 194 -5.41 -5.99 63.66
C GLU B 194 -5.86 -7.26 62.89
N PHE B 195 -5.48 -8.41 63.44
CA PHE B 195 -5.79 -9.66 62.84
C PHE B 195 -7.28 -9.97 62.84
N ARG B 196 -8.00 -9.70 63.93
CA ARG B 196 -9.46 -10.01 63.94
C ARG B 196 -10.28 -9.09 62.99
N THR B 197 -10.00 -7.80 63.01
CA THR B 197 -10.69 -6.88 62.11
C THR B 197 -10.45 -7.31 60.67
N TRP B 198 -9.15 -7.59 60.42
CA TRP B 198 -8.73 -8.09 59.12
C TRP B 198 -9.53 -9.36 58.86
N LEU B 199 -9.55 -10.32 59.79
CA LEU B 199 -10.32 -11.58 59.57
C LEU B 199 -11.79 -11.24 59.28
N ARG B 200 -12.32 -10.23 59.98
CA ARG B 200 -13.72 -9.94 59.86
C ARG B 200 -14.04 -9.38 58.50
N GLU B 201 -13.19 -8.50 58.00
CA GLU B 201 -13.47 -7.90 56.72
C GLU B 201 -13.26 -8.89 55.52
N GLU B 202 -12.25 -9.78 55.61
CA GLU B 202 -11.92 -10.72 54.50
C GLU B 202 -12.73 -12.00 54.58
N TRP B 203 -13.21 -12.34 55.78
CA TRP B 203 -13.89 -13.65 55.95
C TRP B 203 -15.25 -13.56 56.61
N GLY B 204 -15.36 -12.59 57.53
CA GLY B 204 -16.50 -12.48 58.41
C GLY B 204 -16.75 -13.76 59.17
N ARG B 205 -15.70 -14.52 59.43
CA ARG B 205 -15.81 -15.75 60.19
C ARG B 205 -15.07 -15.47 61.50
N THR B 206 -15.32 -16.36 62.47
CA THR B 206 -14.76 -16.24 63.81
C THR B 206 -13.27 -16.62 63.78
N LEU B 207 -12.43 -15.95 64.59
CA LEU B 207 -11.10 -16.50 64.91
C LEU B 207 -11.32 -17.90 65.47
N GLU B 208 -11.53 -18.84 64.54
CA GLU B 208 -11.98 -20.21 64.78
C GLU B 208 -12.96 -20.66 63.67
N ASP B 209 -14.27 -20.53 63.92
CA ASP B 209 -15.37 -21.09 63.10
C ASP B 209 -14.97 -22.25 62.21
N ILE B 210 -14.14 -21.97 61.20
CA ILE B 210 -13.72 -22.98 60.23
C ILE B 210 -13.11 -24.25 60.90
N PHE B 211 -12.33 -24.09 61.96
CA PHE B 211 -11.54 -25.18 62.56
C PHE B 211 -10.45 -25.63 61.60
N HIS B 212 -10.79 -26.02 60.37
CA HIS B 212 -9.78 -26.53 59.42
C HIS B 212 -8.46 -25.78 59.64
N GLU B 213 -7.54 -26.42 60.34
CA GLU B 213 -6.20 -25.85 60.59
C GLU B 213 -5.65 -25.37 59.23
N HIS B 214 -5.88 -26.11 58.16
CA HIS B 214 -5.28 -25.76 56.86
C HIS B 214 -5.66 -24.36 56.32
N MET B 215 -6.96 -24.07 56.19
CA MET B 215 -7.46 -22.73 55.83
C MET B 215 -7.08 -21.79 56.93
N GLN B 216 -7.36 -22.14 58.20
CA GLN B 216 -6.85 -21.41 59.39
C GLN B 216 -5.34 -20.99 59.29
N GLU B 217 -4.51 -21.92 58.87
CA GLU B 217 -3.09 -21.64 58.63
C GLU B 217 -2.80 -20.70 57.43
N LEU B 218 -3.19 -21.11 56.21
CA LEU B 218 -3.26 -20.20 55.00
C LEU B 218 -3.74 -18.73 55.24
N ILE B 219 -4.78 -18.55 56.02
CA ILE B 219 -5.29 -17.27 56.35
C ILE B 219 -4.33 -16.54 57.22
N LEU B 220 -3.86 -17.19 58.26
CA LEU B 220 -2.86 -16.60 59.15
C LEU B 220 -1.59 -16.11 58.37
N MET B 221 -1.01 -16.99 57.53
CA MET B 221 0.27 -16.70 56.83
C MET B 221 0.16 -15.54 55.85
N LYS B 222 -0.99 -15.45 55.22
CA LYS B 222 -1.32 -14.39 54.29
C LYS B 222 -1.44 -13.10 55.08
N PHE B 223 -2.00 -13.20 56.28
CA PHE B 223 -2.15 -12.00 57.02
C PHE B 223 -0.78 -11.49 57.31
N ILE B 224 0.09 -12.38 57.75
CA ILE B 224 1.38 -11.96 58.20
C ILE B 224 2.23 -11.51 57.04
N TYR B 225 2.16 -12.21 55.90
CA TYR B 225 2.99 -11.86 54.75
C TYR B 225 2.60 -10.43 54.16
N THR B 226 1.30 -10.21 53.94
CA THR B 226 0.84 -8.96 53.37
C THR B 226 1.05 -7.86 54.39
N SER B 227 0.67 -8.07 55.64
CA SER B 227 0.86 -6.99 56.59
C SER B 227 2.35 -6.54 56.79
N GLN B 228 3.30 -7.30 56.31
CA GLN B 228 4.69 -6.89 56.22
C GLN B 228 4.96 -5.77 55.24
N TYR B 229 4.05 -5.54 54.31
CA TYR B 229 4.17 -4.43 53.36
C TYR B 229 3.43 -3.19 53.88
N ASP B 230 3.96 -2.54 54.90
CA ASP B 230 3.21 -1.55 55.65
C ASP B 230 3.32 -0.13 55.09
N ASN B 231 2.34 0.39 54.30
CA ASN B 231 1.71 -0.29 53.13
C ASN B 231 2.59 0.19 52.03
N CYS B 232 3.80 -0.36 51.98
N CYS B 232 3.89 -0.21 52.08
CA CYS B 232 4.83 0.13 51.10
CA CYS B 232 4.90 0.18 51.08
C CYS B 232 4.97 -0.81 49.96
C CYS B 232 4.84 -0.87 50.02
N LEU B 233 4.22 -0.54 48.88
CA LEU B 233 4.01 -1.45 47.79
C LEU B 233 4.40 -0.88 46.41
N THR B 234 4.65 -1.79 45.48
CA THR B 234 4.89 -1.46 44.11
C THR B 234 3.76 -2.03 43.30
N TYR B 235 3.32 -1.26 42.32
CA TYR B 235 2.15 -1.66 41.55
C TYR B 235 2.59 -1.80 40.09
N ARG B 236 2.13 -2.86 39.42
CA ARG B 236 2.35 -3.01 38.01
C ARG B 236 1.02 -2.91 37.28
N ARG B 237 1.13 -2.31 36.09
CA ARG B 237 0.00 -2.01 35.31
C ARG B 237 -0.59 -3.22 34.74
N ILE B 238 -1.90 -3.21 34.70
CA ILE B 238 -2.65 -4.23 34.05
C ILE B 238 -3.84 -3.58 33.30
N TYR B 239 -4.53 -4.32 32.42
CA TYR B 239 -5.59 -3.73 31.59
C TYR B 239 -6.78 -4.64 31.66
N LEU B 240 -7.94 -4.11 31.34
CA LEU B 240 -9.08 -4.94 31.03
C LEU B 240 -9.03 -5.54 29.62
N PRO B 241 -9.76 -6.63 29.43
CA PRO B 241 -9.60 -7.33 28.18
C PRO B 241 -10.46 -6.67 27.09
N PRO B 242 -9.95 -6.69 25.85
CA PRO B 242 -10.64 -6.20 24.64
C PRO B 242 -11.95 -6.89 24.34
N SER B 243 -12.98 -6.08 24.06
CA SER B 243 -14.26 -6.60 23.60
C SER B 243 -14.18 -6.88 22.09
N ARG B 244 -14.78 -8.00 21.69
CA ARG B 244 -14.87 -8.45 20.28
C ARG B 244 -16.25 -9.06 19.99
N PRO B 245 -16.78 -8.89 18.80
CA PRO B 245 -18.21 -9.23 18.79
C PRO B 245 -18.47 -10.72 18.58
N ASP B 246 -17.86 -11.22 17.52
CA ASP B 246 -17.99 -12.60 17.15
C ASP B 246 -17.22 -13.36 18.18
N ASP B 247 -15.91 -13.32 18.04
CA ASP B 247 -15.10 -14.27 18.77
C ASP B 247 -15.12 -13.94 20.29
N LEU B 248 -16.30 -14.10 20.91
CA LEU B 248 -16.56 -13.58 22.28
C LEU B 248 -17.93 -13.80 22.92
N ILE B 249 -17.91 -14.01 24.24
CA ILE B 249 -19.09 -14.05 25.11
C ILE B 249 -18.84 -13.61 26.58
N LYS B 250 -17.98 -12.58 26.63
CA LYS B 250 -18.16 -11.43 27.49
C LYS B 250 -17.06 -11.20 28.58
N PRO B 251 -15.93 -10.57 28.20
CA PRO B 251 -14.75 -10.67 29.08
C PRO B 251 -14.77 -9.72 30.26
N GLY B 252 -13.70 -9.74 31.02
CA GLY B 252 -13.61 -8.92 32.18
C GLY B 252 -13.20 -9.79 33.34
N LEU B 253 -13.43 -9.23 34.51
CA LEU B 253 -12.90 -9.75 35.70
C LEU B 253 -14.02 -10.51 36.34
N PHE B 254 -13.68 -11.66 36.93
CA PHE B 254 -14.66 -12.46 37.68
C PHE B 254 -14.10 -12.75 39.02
N LYS B 255 -14.99 -13.10 39.96
CA LYS B 255 -14.63 -13.65 41.29
C LYS B 255 -14.89 -15.17 41.36
N GLY B 256 -13.85 -15.93 41.72
CA GLY B 256 -13.94 -17.39 41.66
C GLY B 256 -13.56 -18.11 42.93
N THR B 257 -14.17 -19.28 43.14
CA THR B 257 -13.91 -20.09 44.32
C THR B 257 -12.67 -20.92 44.02
N TYR B 258 -11.74 -20.92 44.96
CA TYR B 258 -10.45 -21.57 44.82
C TYR B 258 -10.23 -22.39 46.07
N GLY B 259 -11.28 -23.15 46.43
CA GLY B 259 -11.26 -23.99 47.64
C GLY B 259 -10.97 -23.24 48.92
N SER B 260 -9.96 -23.76 49.61
CA SER B 260 -9.48 -23.28 50.93
C SER B 260 -8.80 -21.91 50.90
N HIS B 261 -8.30 -21.56 49.72
CA HIS B 261 -7.66 -20.28 49.55
C HIS B 261 -8.64 -19.21 49.51
N GLY B 262 -9.89 -19.62 49.30
CA GLY B 262 -11.03 -18.74 49.37
C GLY B 262 -11.15 -18.26 47.96
N LEU B 263 -11.80 -17.11 47.85
CA LEU B 263 -12.10 -16.47 46.56
C LEU B 263 -10.89 -15.70 45.98
N GLU B 264 -10.68 -15.89 44.70
CA GLU B 264 -9.65 -15.24 43.96
C GLU B 264 -10.29 -14.46 42.86
N ILE B 265 -9.60 -13.41 42.45
CA ILE B 265 -10.00 -12.67 41.24
C ILE B 265 -9.29 -13.09 39.95
N VAL B 266 -10.08 -13.40 38.95
CA VAL B 266 -9.64 -13.99 37.73
C VAL B 266 -10.19 -13.16 36.56
N MET B 267 -9.27 -12.81 35.67
CA MET B 267 -9.59 -12.13 34.45
C MET B 267 -9.82 -13.06 33.23
N LEU B 268 -11.07 -13.23 32.78
CA LEU B 268 -11.38 -13.91 31.49
C LEU B 268 -11.08 -13.06 30.26
N SER B 269 -10.38 -13.64 29.31
CA SER B 269 -10.08 -12.94 28.07
C SER B 269 -10.06 -13.90 26.84
N PHE B 270 -10.31 -13.43 25.64
CA PHE B 270 -10.46 -14.36 24.51
C PHE B 270 -9.27 -14.24 23.54
N HIS B 271 -8.77 -15.38 23.03
CA HIS B 271 -7.52 -15.47 22.25
C HIS B 271 -7.65 -16.50 21.11
N GLY B 272 -8.53 -16.20 20.16
CA GLY B 272 -8.86 -17.13 19.05
C GLY B 272 -10.00 -18.03 19.43
N ARG B 273 -9.94 -19.33 19.14
CA ARG B 273 -11.01 -20.18 19.65
C ARG B 273 -10.41 -20.86 20.90
N ARG B 274 -9.98 -20.00 21.83
CA ARG B 274 -9.38 -20.38 23.10
C ARG B 274 -9.54 -19.24 24.13
N ALA B 275 -10.07 -19.48 25.32
CA ALA B 275 -10.21 -18.40 26.35
C ALA B 275 -9.20 -18.63 27.45
N ARG B 276 -8.74 -17.55 28.04
CA ARG B 276 -7.75 -17.65 29.09
C ARG B 276 -8.34 -17.14 30.42
N GLY B 277 -8.04 -17.86 31.49
CA GLY B 277 -8.39 -17.43 32.82
C GLY B 277 -7.06 -17.04 33.46
N THR B 278 -6.93 -15.75 33.82
CA THR B 278 -5.68 -15.16 34.33
C THR B 278 -5.89 -14.65 35.75
N LYS B 279 -4.99 -15.04 36.66
CA LYS B 279 -5.21 -14.70 38.09
C LYS B 279 -4.82 -13.26 38.35
N ILE B 280 -5.69 -12.53 39.01
CA ILE B 280 -5.39 -11.15 39.35
C ILE B 280 -5.00 -11.13 40.82
N THR B 281 -5.78 -11.81 41.64
CA THR B 281 -5.29 -12.34 42.93
C THR B 281 -5.00 -13.84 42.81
N GLY B 282 -4.13 -14.31 43.68
CA GLY B 282 -3.76 -15.69 43.75
C GLY B 282 -3.38 -16.17 45.15
N ASP B 283 -2.76 -17.34 45.19
CA ASP B 283 -2.31 -18.02 46.38
C ASP B 283 -0.91 -18.68 46.18
N PRO B 284 -0.43 -19.37 47.17
CA PRO B 284 0.93 -19.89 47.03
C PRO B 284 1.11 -21.10 46.20
N ASN B 285 0.05 -21.85 45.94
CA ASN B 285 0.05 -22.93 44.91
C ASN B 285 0.15 -22.34 43.52
N ILE B 286 -0.83 -21.57 43.09
CA ILE B 286 -0.72 -20.92 41.77
C ILE B 286 -0.85 -19.45 42.00
N PRO B 287 0.22 -18.68 41.75
CA PRO B 287 0.23 -17.23 42.12
C PRO B 287 -0.52 -16.25 41.19
N ALA B 288 -0.74 -15.04 41.71
CA ALA B 288 -1.17 -13.88 40.93
C ALA B 288 -0.36 -13.85 39.65
N GLY B 289 -1.03 -13.53 38.56
CA GLY B 289 -0.35 -13.32 37.28
C GLY B 289 -0.22 -14.55 36.41
N GLN B 290 -0.74 -15.69 36.86
CA GLN B 290 -0.62 -16.94 36.10
C GLN B 290 -1.88 -17.39 35.44
N GLN B 291 -1.69 -18.23 34.44
CA GLN B 291 -2.83 -18.79 33.78
C GLN B 291 -3.38 -19.80 34.72
N THR B 292 -4.62 -19.61 35.13
CA THR B 292 -5.31 -20.57 35.96
C THR B 292 -6.18 -21.50 35.16
N VAL B 293 -6.61 -21.08 33.96
CA VAL B 293 -7.59 -21.81 33.20
C VAL B 293 -7.42 -21.52 31.75
N GLU B 294 -7.74 -22.51 30.94
CA GLU B 294 -7.77 -22.35 29.49
C GLU B 294 -8.88 -23.16 28.84
N ILE B 295 -9.79 -22.47 28.16
CA ILE B 295 -11.00 -23.06 27.58
C ILE B 295 -10.83 -23.25 26.06
N ASP B 296 -11.01 -24.47 25.60
CA ASP B 296 -10.77 -24.83 24.24
C ASP B 296 -12.13 -24.63 23.54
N LEU B 297 -12.28 -23.45 22.97
CA LEU B 297 -13.57 -23.02 22.48
C LEU B 297 -14.07 -23.71 21.21
N ARG B 298 -13.38 -24.76 20.73
CA ARG B 298 -13.89 -25.52 19.57
C ARG B 298 -14.13 -27.00 19.93
N HIS B 299 -14.09 -27.29 21.24
CA HIS B 299 -14.30 -28.61 21.81
C HIS B 299 -15.37 -28.49 22.88
N ARG B 300 -16.55 -28.25 22.34
CA ARG B 300 -17.80 -28.28 23.05
C ARG B 300 -18.04 -29.72 23.54
N ILE B 301 -18.67 -29.84 24.71
CA ILE B 301 -18.94 -31.14 25.31
C ILE B 301 -20.45 -31.11 25.54
N GLN B 302 -21.12 -32.22 25.21
CA GLN B 302 -22.58 -32.22 25.27
C GLN B 302 -22.98 -32.69 26.65
N LEU B 303 -23.99 -32.01 27.16
CA LEU B 303 -24.66 -32.28 28.43
C LEU B 303 -25.67 -33.44 28.30
N PRO B 304 -25.34 -34.66 28.82
CA PRO B 304 -26.27 -35.79 28.74
C PRO B 304 -27.52 -35.55 29.64
N ASP B 305 -28.47 -36.49 29.73
CA ASP B 305 -29.60 -36.19 30.62
C ASP B 305 -29.02 -35.95 32.04
N LEU B 306 -29.86 -35.91 33.06
CA LEU B 306 -29.42 -35.49 34.40
C LEU B 306 -28.85 -36.65 35.28
N GLU B 307 -29.16 -37.93 34.98
CA GLU B 307 -28.59 -39.02 35.80
C GLU B 307 -27.23 -39.57 35.29
N ASN B 308 -26.76 -38.97 34.19
CA ASN B 308 -25.44 -39.20 33.56
C ASN B 308 -24.50 -38.06 33.87
N GLN B 309 -25.14 -36.90 33.95
CA GLN B 309 -24.56 -35.79 34.58
C GLN B 309 -24.18 -36.19 35.99
N ARG B 310 -25.04 -36.94 36.66
CA ARG B 310 -24.70 -37.36 38.00
C ARG B 310 -23.51 -38.34 38.04
N ASN B 311 -23.29 -39.09 36.94
CA ASN B 311 -22.24 -40.14 36.87
C ASN B 311 -20.82 -39.60 36.70
N PHE B 312 -20.04 -39.70 37.78
CA PHE B 312 -18.72 -39.11 37.74
C PHE B 312 -17.85 -39.70 36.63
N ASN B 313 -17.81 -41.03 36.54
CA ASN B 313 -16.94 -41.70 35.58
C ASN B 313 -17.30 -41.54 34.18
N GLU B 314 -18.61 -41.44 33.91
CA GLU B 314 -19.04 -41.10 32.57
C GLU B 314 -18.31 -39.82 32.23
N LEU B 315 -18.50 -38.79 33.06
CA LEU B 315 -17.89 -37.47 32.83
C LEU B 315 -16.39 -37.55 32.61
N SER B 316 -15.68 -38.35 33.39
CA SER B 316 -14.23 -38.48 33.21
C SER B 316 -13.91 -39.17 31.87
N ARG B 317 -14.59 -40.26 31.54
CA ARG B 317 -14.27 -40.91 30.29
C ARG B 317 -14.43 -39.84 29.21
N ILE B 318 -15.59 -39.25 29.12
CA ILE B 318 -15.84 -38.24 28.07
C ILE B 318 -14.72 -37.17 28.06
N VAL B 319 -14.30 -36.65 29.21
CA VAL B 319 -13.31 -35.54 29.23
C VAL B 319 -11.86 -35.96 28.84
N LEU B 320 -11.39 -37.13 29.25
CA LEU B 320 -10.10 -37.66 28.77
C LEU B 320 -10.10 -38.11 27.27
N GLU B 321 -11.25 -38.52 26.74
CA GLU B 321 -11.40 -38.76 25.29
C GLU B 321 -11.27 -37.53 24.47
N VAL B 322 -11.61 -36.34 25.00
CA VAL B 322 -11.41 -35.07 24.29
C VAL B 322 -9.94 -34.62 24.50
N ARG B 323 -9.43 -34.84 25.71
CA ARG B 323 -8.04 -34.58 25.99
C ARG B 323 -7.24 -35.30 24.94
N GLU B 324 -7.59 -36.57 24.72
CA GLU B 324 -6.95 -37.40 23.68
C GLU B 324 -6.92 -36.80 22.28
N ARG B 325 -8.10 -36.53 21.73
CA ARG B 325 -8.22 -35.90 20.41
C ARG B 325 -7.56 -34.54 20.31
N VAL B 326 -7.61 -33.75 21.38
CA VAL B 326 -6.86 -32.51 21.40
C VAL B 326 -5.36 -32.80 21.23
N ARG B 327 -4.85 -33.79 21.96
CA ARG B 327 -3.42 -34.18 21.88
C ARG B 327 -2.96 -34.71 20.52
N GLN B 328 -3.91 -35.16 19.71
CA GLN B 328 -3.64 -35.64 18.36
C GLN B 328 -3.42 -34.48 17.36
N GLU B 329 -4.18 -33.41 17.54
CA GLU B 329 -4.08 -32.25 16.67
C GLU B 329 -2.76 -31.50 16.94
N GLN B 330 -2.53 -31.11 18.21
CA GLN B 330 -1.25 -30.51 18.68
C GLN B 330 -0.05 -31.48 18.60
N GLN B 331 -0.24 -32.62 17.94
CA GLN B 331 0.84 -33.43 17.37
C GLN B 331 0.95 -33.13 15.85
N GLU B 332 -0.06 -33.48 15.05
CA GLU B 332 -0.12 -33.03 13.64
C GLU B 332 -1.54 -32.88 13.12
N GLY B 392 -30.39 -22.45 27.85
CA GLY B 392 -30.33 -23.01 29.19
C GLY B 392 -30.96 -24.37 29.20
N GLN B 393 -30.50 -25.24 30.10
CA GLN B 393 -31.09 -26.56 30.37
C GLN B 393 -30.47 -27.23 31.64
N PRO B 394 -31.23 -28.06 32.38
CA PRO B 394 -30.84 -28.59 33.72
C PRO B 394 -29.40 -29.05 33.92
N PHE B 395 -28.82 -28.66 35.05
CA PHE B 395 -27.44 -28.98 35.36
C PHE B 395 -27.37 -29.53 36.77
N VAL B 396 -26.46 -30.48 36.98
CA VAL B 396 -26.08 -30.91 38.32
C VAL B 396 -24.65 -31.41 38.33
N LEU B 397 -23.96 -31.20 39.44
CA LEU B 397 -22.63 -31.73 39.61
C LEU B 397 -22.81 -33.23 39.73
N PRO B 398 -21.76 -34.00 39.39
CA PRO B 398 -21.66 -35.44 39.72
C PRO B 398 -21.35 -35.72 41.17
N VAL B 399 -21.89 -36.81 41.66
CA VAL B 399 -21.48 -37.31 42.97
C VAL B 399 -19.96 -37.42 43.06
N GLY B 400 -19.40 -36.94 44.18
CA GLY B 400 -17.95 -36.98 44.45
C GLY B 400 -17.23 -35.69 44.10
N VAL B 401 -17.92 -34.84 43.34
CA VAL B 401 -17.41 -33.54 43.04
C VAL B 401 -17.93 -32.46 44.06
N SER B 402 -17.00 -31.91 44.86
CA SER B 402 -17.33 -30.92 45.89
C SER B 402 -17.39 -29.52 45.27
N SER B 403 -18.09 -28.65 45.99
CA SER B 403 -18.34 -27.27 45.57
C SER B 403 -18.55 -26.47 46.85
N ARG B 404 -17.62 -25.58 47.17
CA ARG B 404 -17.83 -24.62 48.28
C ARG B 404 -19.13 -23.81 48.18
N ASN B 405 -19.66 -23.59 46.96
CA ASN B 405 -20.84 -22.75 46.85
C ASN B 405 -22.17 -23.45 47.10
N GLU B 406 -22.47 -24.52 46.36
CA GLU B 406 -23.79 -25.20 46.48
C GLU B 406 -24.94 -24.42 45.87
N ASP B 407 -24.83 -23.07 45.87
CA ASP B 407 -25.71 -22.14 45.12
C ASP B 407 -25.17 -21.80 43.71
N TYR B 408 -24.70 -22.84 43.03
CA TYR B 408 -24.34 -22.74 41.62
C TYR B 408 -25.57 -23.12 40.79
N PRO B 409 -25.77 -22.39 39.68
CA PRO B 409 -27.04 -22.50 38.94
C PRO B 409 -27.37 -23.92 38.45
N ARG B 410 -28.66 -24.24 38.33
CA ARG B 410 -29.08 -25.56 37.91
C ARG B 410 -29.58 -25.70 36.47
N THR B 411 -29.25 -24.70 35.68
CA THR B 411 -29.45 -24.70 34.26
C THR B 411 -28.02 -24.30 33.76
N CYS B 412 -27.66 -24.63 32.53
CA CYS B 412 -26.51 -23.99 31.87
C CYS B 412 -26.70 -24.01 30.36
N ARG B 413 -26.06 -23.08 29.65
CA ARG B 413 -26.11 -23.02 28.19
C ARG B 413 -25.18 -24.09 27.57
N MET B 414 -23.88 -23.96 27.76
CA MET B 414 -22.91 -24.82 27.08
C MET B 414 -21.85 -25.36 28.04
N CYS B 415 -21.15 -26.41 27.56
CA CYS B 415 -19.91 -26.94 28.16
C CYS B 415 -18.79 -27.05 27.12
N PHE B 416 -17.53 -26.97 27.56
CA PHE B 416 -16.37 -27.01 26.68
C PHE B 416 -15.26 -27.67 27.43
N TYR B 417 -14.37 -28.36 26.72
CA TYR B 417 -13.16 -28.91 27.33
C TYR B 417 -12.26 -27.77 27.79
N GLY B 418 -11.61 -27.90 28.95
CA GLY B 418 -10.54 -26.98 29.33
C GLY B 418 -9.51 -27.62 30.26
N THR B 419 -8.43 -26.90 30.52
CA THR B 419 -7.37 -27.34 31.44
C THR B 419 -7.07 -26.26 32.49
N GLY B 420 -7.03 -26.68 33.74
CA GLY B 420 -6.51 -25.83 34.81
C GLY B 420 -5.02 -26.03 35.06
N LEU B 421 -4.40 -25.04 35.70
CA LEU B 421 -3.01 -25.12 36.15
C LEU B 421 -2.96 -25.54 37.60
N ILE B 422 -2.27 -26.62 37.95
CA ILE B 422 -2.10 -26.97 39.39
C ILE B 422 -0.60 -27.01 39.79
N ALA B 423 -0.35 -27.02 41.09
CA ALA B 423 1.02 -26.93 41.59
C ALA B 423 0.94 -27.21 43.05
N GLY B 424 2.04 -27.76 43.57
CA GLY B 424 2.24 -27.80 44.99
C GLY B 424 2.57 -26.42 45.56
N HIS B 425 2.63 -26.40 46.87
CA HIS B 425 2.97 -25.19 47.54
C HIS B 425 4.29 -24.64 47.06
N GLY B 426 4.31 -23.32 46.83
CA GLY B 426 5.51 -22.62 46.34
C GLY B 426 5.56 -22.64 44.82
N PHE B 427 4.41 -23.01 44.22
CA PHE B 427 4.27 -23.07 42.77
C PHE B 427 5.25 -24.08 42.19
N THR B 428 5.37 -25.18 42.88
CA THR B 428 6.36 -26.18 42.54
C THR B 428 5.84 -27.17 41.49
N SER B 429 6.55 -27.30 40.36
CA SER B 429 6.25 -28.39 39.40
C SER B 429 4.83 -28.26 38.83
N PRO B 430 4.48 -27.06 38.32
CA PRO B 430 3.09 -26.83 37.85
C PRO B 430 2.73 -27.71 36.67
N GLU B 431 1.44 -28.01 36.48
CA GLU B 431 0.97 -28.83 35.35
C GLU B 431 -0.51 -28.54 34.92
N ARG B 432 -0.88 -28.87 33.69
CA ARG B 432 -2.27 -28.68 33.31
C ARG B 432 -3.04 -29.95 33.47
N THR B 433 -4.07 -29.92 34.31
CA THR B 433 -4.98 -31.06 34.45
C THR B 433 -6.23 -30.78 33.61
N PRO B 434 -6.80 -31.84 33.08
CA PRO B 434 -8.06 -31.70 32.41
C PRO B 434 -9.24 -31.39 33.34
N GLY B 435 -10.27 -30.87 32.71
CA GLY B 435 -11.51 -30.50 33.31
C GLY B 435 -12.55 -30.04 32.26
N VAL B 436 -13.66 -29.48 32.74
CA VAL B 436 -14.68 -28.97 31.84
C VAL B 436 -15.28 -27.69 32.33
N PHE B 437 -15.22 -26.72 31.44
CA PHE B 437 -15.80 -25.38 31.62
C PHE B 437 -17.32 -25.38 31.36
N ILE B 438 -18.06 -24.67 32.22
CA ILE B 438 -19.52 -24.67 32.21
C ILE B 438 -20.02 -23.23 32.20
N LEU B 439 -20.76 -22.89 31.14
CA LEU B 439 -21.32 -21.57 31.04
C LEU B 439 -22.74 -21.55 31.58
N PHE B 440 -22.99 -20.85 32.67
CA PHE B 440 -24.36 -20.72 33.16
C PHE B 440 -25.12 -19.57 32.49
N ASP B 441 -24.72 -18.33 32.85
CA ASP B 441 -25.34 -17.05 32.42
C ASP B 441 -24.30 -16.20 31.70
N GLU B 442 -24.69 -14.96 31.40
CA GLU B 442 -23.80 -13.99 30.75
C GLU B 442 -22.64 -13.60 31.63
N ASP B 443 -22.79 -13.81 32.92
CA ASP B 443 -21.79 -13.28 33.74
C ASP B 443 -21.54 -14.29 34.85
N ARG B 444 -21.73 -15.56 34.50
CA ARG B 444 -21.61 -16.65 35.47
C ARG B 444 -21.09 -17.97 34.82
N PHE B 445 -19.99 -18.55 35.35
CA PHE B 445 -19.50 -19.78 34.80
C PHE B 445 -18.76 -20.57 35.82
N GLY B 446 -18.38 -21.80 35.45
CA GLY B 446 -17.75 -22.71 36.43
C GLY B 446 -16.70 -23.58 35.80
N PHE B 447 -15.84 -24.22 36.61
CA PHE B 447 -14.82 -25.19 36.10
C PHE B 447 -14.73 -26.45 36.97
N VAL B 448 -15.04 -27.60 36.37
CA VAL B 448 -14.97 -28.88 37.07
C VAL B 448 -13.56 -29.40 36.93
N TRP B 449 -12.91 -29.54 38.08
CA TRP B 449 -11.50 -29.95 38.17
C TRP B 449 -11.43 -31.48 38.26
N LEU B 450 -11.21 -32.19 37.15
CA LEU B 450 -11.40 -33.65 37.18
C LEU B 450 -10.54 -34.29 38.27
N GLU B 451 -9.23 -34.11 38.16
CA GLU B 451 -8.29 -34.88 38.98
C GLU B 451 -8.30 -34.44 40.45
N LEU B 452 -8.97 -33.34 40.75
CA LEU B 452 -9.27 -32.97 42.15
C LEU B 452 -10.75 -33.24 42.55
N LYS B 453 -11.57 -33.81 41.66
CA LYS B 453 -13.01 -33.96 41.90
C LYS B 453 -13.62 -32.74 42.58
N SER B 454 -13.50 -31.57 41.97
CA SER B 454 -13.80 -30.27 42.62
C SER B 454 -14.35 -29.26 41.63
N PHE B 455 -15.31 -28.46 42.07
CA PHE B 455 -15.89 -27.41 41.24
C PHE B 455 -15.63 -25.94 41.67
N SER B 456 -15.26 -25.10 40.69
CA SER B 456 -15.04 -23.66 40.86
C SER B 456 -16.19 -22.89 40.20
N LEU B 457 -16.83 -22.02 40.96
CA LEU B 457 -17.90 -21.14 40.49
C LEU B 457 -17.38 -19.72 40.40
N TYR B 458 -17.44 -19.16 39.20
CA TYR B 458 -16.97 -17.81 38.84
C TYR B 458 -18.19 -16.95 38.62
N SER B 459 -18.12 -15.68 38.98
CA SER B 459 -19.27 -14.78 38.78
C SER B 459 -18.85 -13.37 38.51
N ARG B 460 -19.58 -12.64 37.64
CA ARG B 460 -18.98 -11.40 37.15
C ARG B 460 -18.94 -10.29 38.20
N VAL B 461 -17.76 -9.69 38.25
CA VAL B 461 -17.45 -8.55 39.07
C VAL B 461 -18.25 -7.45 38.45
N GLN B 462 -19.20 -6.88 39.18
CA GLN B 462 -20.12 -5.88 38.54
C GLN B 462 -19.59 -4.44 38.45
N ALA B 463 -18.67 -4.06 39.32
CA ALA B 463 -18.03 -2.74 39.21
C ALA B 463 -17.60 -2.33 37.81
N THR B 464 -17.31 -1.05 37.68
CA THR B 464 -16.91 -0.45 36.44
C THR B 464 -15.62 0.32 36.69
N PHE B 465 -14.71 0.31 35.73
CA PHE B 465 -13.32 0.76 35.95
C PHE B 465 -12.83 1.86 34.99
N ARG B 466 -12.27 2.87 35.60
CA ARG B 466 -11.84 4.00 34.86
C ARG B 466 -10.39 3.79 34.44
N ASN B 467 -10.13 4.18 33.20
CA ASN B 467 -8.82 4.20 32.54
C ASN B 467 -8.23 2.80 32.37
N ALA B 468 -9.09 1.79 32.21
CA ALA B 468 -8.58 0.43 32.37
C ALA B 468 -8.38 -0.29 31.09
N ASP B 469 -8.58 0.37 29.96
CA ASP B 469 -8.63 -0.34 28.67
C ASP B 469 -7.25 -0.55 28.11
N ALA B 470 -7.01 -1.71 27.51
CA ALA B 470 -5.73 -1.88 26.89
C ALA B 470 -5.70 -0.80 25.81
N PRO B 471 -4.50 -0.24 25.55
CA PRO B 471 -4.37 0.67 24.40
C PRO B 471 -4.67 -0.02 23.06
N SER B 472 -4.25 -1.28 22.97
CA SER B 472 -4.39 -2.11 21.77
C SER B 472 -4.49 -3.60 22.15
N PRO B 473 -4.81 -4.46 21.18
CA PRO B 473 -4.84 -5.88 21.57
C PRO B 473 -3.44 -6.45 21.88
N GLN B 474 -2.43 -6.18 21.05
CA GLN B 474 -1.08 -6.75 21.28
C GLN B 474 -0.52 -6.20 22.57
N ALA B 475 -0.98 -5.02 22.98
CA ALA B 475 -0.55 -4.44 24.24
C ALA B 475 -1.11 -5.24 25.45
N PHE B 476 -2.38 -5.64 25.39
CA PHE B 476 -2.98 -6.56 26.36
C PHE B 476 -2.23 -7.89 26.40
N ASP B 477 -1.99 -8.49 25.25
CA ASP B 477 -1.25 -9.73 25.28
C ASP B 477 0.19 -9.49 25.85
N GLU B 478 0.76 -8.28 25.74
CA GLU B 478 2.07 -7.97 26.40
C GLU B 478 1.97 -7.87 27.92
N MET B 479 0.92 -7.17 28.38
CA MET B 479 0.63 -7.03 29.82
C MET B 479 0.48 -8.42 30.52
N LEU B 480 -0.43 -9.28 30.05
CA LEU B 480 -0.41 -10.72 30.44
C LEU B 480 1.01 -11.35 30.57
N LYS B 481 1.86 -11.12 29.57
CA LYS B 481 3.21 -11.68 29.56
C LYS B 481 4.09 -11.10 30.67
N ASN B 482 3.96 -9.81 30.94
CA ASN B 482 4.74 -9.22 32.02
C ASN B 482 4.31 -9.66 33.40
N ILE B 483 3.01 -9.70 33.66
CA ILE B 483 2.62 -10.11 35.01
C ILE B 483 2.74 -11.62 35.27
N GLN B 484 2.80 -12.40 34.21
CA GLN B 484 3.07 -13.81 34.37
C GLN B 484 4.52 -14.06 34.75
N SER B 485 5.38 -13.20 34.25
CA SER B 485 6.81 -13.42 34.38
C SER B 485 7.35 -13.00 35.76
N LEU B 486 6.74 -11.96 36.33
CA LEU B 486 7.14 -11.44 37.62
C LEU B 486 6.89 -12.49 38.69
N THR B 487 5.95 -13.41 38.42
CA THR B 487 5.61 -14.53 39.35
C THR B 487 6.09 -15.95 38.94
N SER B 488 6.55 -16.10 37.70
CA SER B 488 7.47 -17.17 37.34
C SER B 488 8.62 -17.20 38.37
N ALA C 2 55.94 -25.74 -42.38
CA ALA C 2 56.36 -25.72 -43.81
C ALA C 2 55.44 -26.55 -44.69
N SER C 3 55.51 -27.87 -44.55
CA SER C 3 55.07 -28.75 -45.60
C SER C 3 54.59 -30.09 -45.03
N ILE C 4 53.34 -30.46 -45.35
CA ILE C 4 52.82 -31.81 -45.05
C ILE C 4 51.94 -32.43 -46.15
N LYS C 5 51.89 -33.75 -46.14
CA LYS C 5 51.32 -34.52 -47.24
C LYS C 5 49.89 -34.86 -46.95
N LEU C 6 49.07 -34.84 -48.01
CA LEU C 6 47.66 -35.26 -47.93
C LEU C 6 47.26 -36.21 -49.06
N GLN C 7 46.61 -37.31 -48.67
CA GLN C 7 46.30 -38.40 -49.61
C GLN C 7 44.80 -38.47 -49.97
N SER C 8 44.48 -37.88 -51.12
CA SER C 8 43.16 -37.98 -51.76
C SER C 8 42.68 -39.44 -51.78
N SER C 9 41.38 -39.63 -51.59
CA SER C 9 40.74 -40.93 -51.82
C SER C 9 41.12 -41.47 -53.20
N ASP C 10 41.47 -40.57 -54.13
CA ASP C 10 42.08 -40.96 -55.41
C ASP C 10 43.58 -41.24 -55.29
N GLY C 11 44.01 -41.72 -54.11
CA GLY C 11 45.42 -42.05 -53.81
C GLY C 11 46.45 -41.04 -54.27
N GLU C 12 45.98 -39.87 -54.65
CA GLU C 12 46.83 -38.83 -55.21
C GLU C 12 47.57 -38.21 -54.03
N ILE C 13 48.47 -37.24 -54.28
CA ILE C 13 49.22 -36.56 -53.19
C ILE C 13 49.02 -35.01 -53.27
N PHE C 14 49.12 -34.31 -52.14
CA PHE C 14 49.04 -32.82 -52.07
C PHE C 14 49.95 -32.26 -50.93
N GLU C 15 50.71 -31.20 -51.26
CA GLU C 15 51.85 -30.72 -50.44
C GLU C 15 51.59 -29.31 -49.86
N VAL C 16 51.22 -29.26 -48.57
CA VAL C 16 50.63 -28.04 -47.94
C VAL C 16 51.35 -27.50 -46.71
N ASP C 17 51.22 -26.18 -46.52
CA ASP C 17 51.66 -25.54 -45.31
C ASP C 17 50.70 -25.83 -44.17
N VAL C 18 51.11 -26.75 -43.29
CA VAL C 18 50.53 -26.92 -41.96
C VAL C 18 49.49 -25.89 -41.52
N GLU C 19 49.85 -24.60 -41.56
CA GLU C 19 48.98 -23.49 -41.08
C GLU C 19 47.67 -23.43 -41.82
N ILE C 20 47.77 -23.63 -43.14
CA ILE C 20 46.64 -23.73 -44.08
C ILE C 20 45.83 -25.01 -43.85
N ALA C 21 46.52 -26.14 -43.78
CA ALA C 21 45.86 -27.43 -43.49
C ALA C 21 45.09 -27.48 -42.15
N LYS C 22 45.58 -26.79 -41.12
CA LYS C 22 45.01 -26.92 -39.78
C LYS C 22 43.81 -26.03 -39.58
N GLN C 23 43.38 -25.39 -40.67
CA GLN C 23 42.05 -24.86 -40.74
C GLN C 23 41.02 -26.02 -40.87
N SER C 24 41.53 -27.26 -40.98
CA SER C 24 40.72 -28.47 -40.90
C SER C 24 40.96 -29.18 -39.56
N VAL C 25 39.99 -29.07 -38.66
CA VAL C 25 40.18 -29.61 -37.31
C VAL C 25 40.40 -31.11 -37.41
N THR C 26 39.89 -31.69 -38.52
CA THR C 26 40.05 -33.12 -38.85
C THR C 26 41.51 -33.47 -39.24
N ILE C 27 42.01 -32.83 -40.29
CA ILE C 27 43.42 -32.97 -40.66
C ILE C 27 44.35 -32.68 -39.45
N LYS C 28 44.11 -31.56 -38.79
CA LYS C 28 44.87 -31.18 -37.61
C LYS C 28 44.97 -32.34 -36.67
N THR C 29 43.83 -32.92 -36.31
CA THR C 29 43.83 -34.09 -35.36
C THR C 29 44.60 -35.36 -35.85
N MET C 30 44.55 -35.59 -37.16
CA MET C 30 45.34 -36.64 -37.76
C MET C 30 46.82 -36.30 -37.66
N LEU C 31 47.22 -35.06 -37.93
CA LEU C 31 48.64 -34.68 -37.79
C LEU C 31 49.14 -34.74 -36.38
N GLU C 32 48.48 -34.02 -35.48
CA GLU C 32 48.99 -33.86 -34.11
C GLU C 32 48.74 -35.06 -33.17
N ASP C 33 47.56 -35.66 -33.21
CA ASP C 33 47.26 -36.77 -32.27
C ASP C 33 47.58 -38.21 -32.74
N LEU C 34 47.41 -38.44 -34.04
CA LEU C 34 47.54 -39.74 -34.68
C LEU C 34 48.86 -39.91 -35.47
N GLY C 35 49.49 -38.78 -35.83
CA GLY C 35 50.81 -38.76 -36.43
C GLY C 35 50.91 -39.28 -37.83
N MET C 36 49.78 -39.31 -38.52
CA MET C 36 49.71 -39.85 -39.88
C MET C 36 50.44 -38.93 -40.89
N ASP C 37 51.18 -39.53 -41.80
CA ASP C 37 51.74 -38.82 -42.95
C ASP C 37 52.17 -39.92 -43.91
N PRO C 38 51.43 -40.10 -45.02
CA PRO C 38 50.45 -39.14 -45.50
C PRO C 38 49.19 -39.14 -44.63
N VAL C 39 48.29 -38.20 -44.89
CA VAL C 39 46.99 -38.19 -44.22
C VAL C 39 45.98 -38.87 -45.12
N PRO C 40 45.50 -40.08 -44.71
CA PRO C 40 44.53 -40.75 -45.53
C PRO C 40 43.17 -40.06 -45.40
N LEU C 41 42.84 -39.28 -46.45
CA LEU C 41 41.51 -38.64 -46.67
C LEU C 41 40.59 -39.45 -47.65
N PRO C 42 39.98 -40.56 -47.16
CA PRO C 42 39.17 -41.38 -48.05
C PRO C 42 37.91 -40.70 -48.60
N ASN C 43 37.36 -39.71 -47.91
CA ASN C 43 36.12 -39.06 -48.33
C ASN C 43 36.31 -37.78 -49.12
N VAL C 44 37.46 -37.64 -49.77
CA VAL C 44 37.68 -36.51 -50.66
C VAL C 44 38.51 -36.93 -51.89
N ASN C 45 37.84 -37.12 -53.02
CA ASN C 45 38.54 -37.32 -54.30
C ASN C 45 39.44 -36.09 -54.62
N ALA C 46 40.30 -36.24 -55.62
CA ALA C 46 41.42 -35.29 -55.81
C ALA C 46 41.04 -33.80 -56.07
N ALA C 47 39.92 -33.53 -56.74
CA ALA C 47 39.67 -32.21 -57.35
C ALA C 47 38.61 -31.37 -56.66
N ILE C 48 37.83 -32.01 -55.80
CA ILE C 48 37.13 -31.30 -54.72
C ILE C 48 38.22 -30.64 -53.84
N LEU C 49 39.24 -31.43 -53.51
CA LEU C 49 40.32 -31.04 -52.59
C LEU C 49 41.17 -29.87 -53.10
N LYS C 50 41.54 -29.93 -54.39
CA LYS C 50 42.14 -28.81 -55.09
C LYS C 50 41.55 -27.51 -54.56
N LYS C 51 40.21 -27.43 -54.67
CA LYS C 51 39.45 -26.23 -54.35
C LYS C 51 39.40 -26.04 -52.86
N VAL C 52 39.10 -27.10 -52.12
CA VAL C 52 39.08 -26.97 -50.67
C VAL C 52 40.36 -26.27 -50.24
N ILE C 53 41.50 -26.63 -50.83
CA ILE C 53 42.76 -25.99 -50.44
C ILE C 53 42.86 -24.50 -50.82
N GLN C 54 42.23 -24.12 -51.94
N GLN C 54 42.23 -24.11 -51.92
CA GLN C 54 42.27 -22.72 -52.41
CA GLN C 54 42.30 -22.72 -52.37
C GLN C 54 41.52 -21.75 -51.48
C GLN C 54 41.51 -21.73 -51.49
N TRP C 55 40.37 -22.17 -50.94
CA TRP C 55 39.58 -21.30 -50.04
C TRP C 55 40.36 -21.02 -48.77
N CYS C 56 41.05 -22.04 -48.29
CA CYS C 56 41.83 -21.93 -47.08
C CYS C 56 43.04 -21.01 -47.33
N THR C 57 43.67 -21.14 -48.49
CA THR C 57 44.77 -20.26 -48.88
C THR C 57 44.34 -18.77 -48.93
N HIS C 58 43.18 -18.47 -49.51
CA HIS C 58 42.59 -17.13 -49.42
C HIS C 58 42.46 -16.74 -47.95
N HIS C 59 41.80 -17.60 -47.18
CA HIS C 59 41.35 -17.28 -45.81
C HIS C 59 42.35 -17.56 -44.68
N LYS C 60 43.64 -17.47 -44.96
CA LYS C 60 44.66 -17.83 -43.95
C LYS C 60 44.57 -17.01 -42.63
N ASP C 61 44.08 -15.76 -42.72
CA ASP C 61 43.75 -14.91 -41.53
C ASP C 61 42.29 -14.43 -41.64
N ASP C 62 41.61 -14.20 -40.51
CA ASP C 62 40.17 -13.85 -40.54
C ASP C 62 39.73 -13.26 -39.20
N PRO C 63 38.39 -13.03 -39.03
CA PRO C 63 37.80 -13.01 -37.70
C PRO C 63 38.45 -14.05 -36.79
N ASP C 69 29.25 -12.13 -40.79
CA ASP C 69 28.18 -12.82 -41.53
C ASP C 69 27.51 -11.94 -42.59
N ASP C 70 28.00 -12.03 -43.85
CA ASP C 70 27.13 -12.11 -45.06
C ASP C 70 27.85 -12.18 -46.41
N ILE C 71 28.34 -13.40 -46.63
CA ILE C 71 29.04 -13.87 -47.84
C ILE C 71 29.98 -12.88 -48.49
N PRO C 72 31.30 -12.99 -48.18
CA PRO C 72 32.31 -12.29 -48.96
C PRO C 72 32.17 -12.58 -50.46
N VAL C 73 32.57 -11.61 -51.26
CA VAL C 73 32.39 -11.65 -52.71
C VAL C 73 33.44 -12.56 -53.36
N TRP C 74 34.66 -12.60 -52.81
CA TRP C 74 35.63 -13.59 -53.23
C TRP C 74 34.91 -14.94 -53.22
N ASP C 75 34.22 -15.25 -52.11
CA ASP C 75 33.50 -16.52 -51.91
C ASP C 75 32.37 -16.75 -52.90
N GLN C 76 31.70 -15.67 -53.29
CA GLN C 76 30.64 -15.77 -54.26
C GLN C 76 31.13 -16.30 -55.59
N GLU C 77 32.28 -15.83 -56.04
CA GLU C 77 32.82 -16.30 -57.30
C GLU C 77 33.31 -17.75 -57.27
N PHE C 78 34.27 -18.03 -56.38
CA PHE C 78 34.80 -19.38 -56.10
C PHE C 78 33.69 -20.44 -56.07
N LEU C 79 32.59 -20.09 -55.41
CA LEU C 79 31.44 -20.98 -55.31
C LEU C 79 30.61 -21.09 -56.54
N LYS C 80 30.68 -20.09 -57.43
CA LYS C 80 29.98 -20.17 -58.71
C LYS C 80 30.49 -21.39 -59.51
N VAL C 81 29.95 -22.56 -59.16
CA VAL C 81 30.22 -23.84 -59.82
C VAL C 81 28.84 -24.46 -59.97
N ASP C 82 28.76 -25.69 -60.48
CA ASP C 82 27.45 -26.34 -60.54
C ASP C 82 27.06 -26.89 -59.16
N GLN C 83 25.82 -27.36 -59.09
CA GLN C 83 25.22 -27.89 -57.86
C GLN C 83 25.94 -29.10 -57.31
N GLY C 84 26.23 -30.06 -58.19
CA GLY C 84 26.84 -31.33 -57.79
C GLY C 84 28.05 -31.06 -56.96
N THR C 85 28.91 -30.16 -57.47
CA THR C 85 30.15 -29.68 -56.84
C THR C 85 29.95 -28.98 -55.50
N LEU C 86 29.08 -27.98 -55.51
CA LEU C 86 28.68 -27.33 -54.28
C LEU C 86 28.41 -28.34 -53.18
N PHE C 87 27.59 -29.33 -53.49
CA PHE C 87 27.28 -30.38 -52.52
C PHE C 87 28.45 -31.33 -52.20
N GLU C 88 29.49 -31.34 -53.02
CA GLU C 88 30.71 -32.06 -52.71
C GLU C 88 31.48 -31.29 -51.64
N LEU C 89 31.44 -29.96 -51.77
CA LEU C 89 32.11 -29.08 -50.81
C LEU C 89 31.47 -29.10 -49.42
N ILE C 90 30.15 -29.04 -49.34
CA ILE C 90 29.53 -29.01 -48.05
C ILE C 90 30.04 -30.20 -47.27
N LEU C 91 29.90 -31.34 -47.93
CA LEU C 91 30.26 -32.64 -47.39
C LEU C 91 31.70 -32.75 -46.92
N ALA C 92 32.61 -32.40 -47.81
CA ALA C 92 34.04 -32.40 -47.52
C ALA C 92 34.31 -31.45 -46.37
N ALA C 93 33.73 -30.25 -46.44
CA ALA C 93 33.81 -29.25 -45.37
C ALA C 93 33.35 -29.83 -44.05
N ASN C 94 32.24 -30.56 -44.11
CA ASN C 94 31.75 -31.24 -42.92
C ASN C 94 32.77 -32.27 -42.37
N TYR C 95 33.33 -33.08 -43.26
CA TYR C 95 34.15 -34.26 -42.89
C TYR C 95 35.55 -33.87 -42.39
N LEU C 96 36.08 -32.82 -43.05
CA LEU C 96 37.29 -32.13 -42.65
C LEU C 96 37.08 -31.06 -41.63
N ASP C 97 35.84 -30.82 -41.20
CA ASP C 97 35.53 -29.88 -40.14
C ASP C 97 36.17 -28.49 -40.36
N ILE C 98 35.96 -27.92 -41.54
CA ILE C 98 36.36 -26.53 -41.82
C ILE C 98 35.13 -25.63 -41.64
N LYS C 99 35.13 -24.77 -40.62
CA LYS C 99 33.89 -24.10 -40.23
C LYS C 99 33.44 -23.04 -41.22
N GLY C 100 34.40 -22.26 -41.71
CA GLY C 100 34.13 -21.16 -42.64
C GLY C 100 33.51 -21.60 -43.96
N LEU C 101 34.01 -22.69 -44.53
CA LEU C 101 33.57 -23.10 -45.86
C LEU C 101 32.19 -23.68 -45.78
N LEU C 102 31.91 -24.37 -44.68
CA LEU C 102 30.56 -24.89 -44.42
C LEU C 102 29.49 -23.77 -44.29
N ASP C 103 29.79 -22.71 -43.51
CA ASP C 103 28.86 -21.58 -43.32
C ASP C 103 28.48 -20.93 -44.64
N VAL C 104 29.47 -20.78 -45.51
CA VAL C 104 29.35 -20.01 -46.73
C VAL C 104 28.72 -20.88 -47.85
N THR C 105 28.96 -22.20 -47.82
CA THR C 105 28.27 -23.11 -48.76
C THR C 105 26.82 -23.35 -48.34
N CYS C 106 26.62 -23.84 -47.11
CA CYS C 106 25.26 -23.97 -46.57
C CYS C 106 24.37 -22.67 -46.73
N LYS C 107 24.99 -21.47 -46.70
CA LYS C 107 24.33 -20.20 -47.00
C LYS C 107 24.05 -20.00 -48.46
N THR C 108 24.97 -20.44 -49.31
CA THR C 108 24.72 -20.37 -50.75
C THR C 108 23.51 -21.21 -51.05
N VAL C 109 23.46 -22.38 -50.46
CA VAL C 109 22.30 -23.21 -50.58
C VAL C 109 21.06 -22.55 -49.95
N ALA C 110 21.21 -21.90 -48.79
CA ALA C 110 20.09 -21.16 -48.22
C ALA C 110 19.70 -19.96 -49.12
N ASN C 111 20.69 -19.25 -49.63
CA ASN C 111 20.48 -18.13 -50.55
C ASN C 111 19.86 -18.52 -51.88
N MET C 112 19.82 -19.79 -52.19
CA MET C 112 19.03 -20.23 -53.35
C MET C 112 17.57 -20.35 -52.97
N ILE C 113 17.26 -20.86 -51.78
CA ILE C 113 15.88 -21.19 -51.44
C ILE C 113 15.00 -19.96 -51.16
N LYS C 114 15.48 -19.08 -50.29
CA LYS C 114 14.76 -17.89 -49.80
C LYS C 114 13.71 -17.32 -50.77
N GLY C 115 12.43 -17.39 -50.38
CA GLY C 115 11.31 -16.98 -51.24
C GLY C 115 11.09 -17.78 -52.53
N LYS C 116 10.66 -19.05 -52.42
CA LYS C 116 10.34 -19.85 -53.61
C LYS C 116 9.33 -20.94 -53.35
N THR C 117 8.50 -21.17 -54.37
CA THR C 117 7.46 -22.21 -54.40
C THR C 117 8.03 -23.63 -54.52
N PRO C 118 7.26 -24.65 -54.11
CA PRO C 118 7.76 -26.06 -54.25
C PRO C 118 8.01 -26.51 -55.72
N GLU C 119 7.39 -25.83 -56.68
CA GLU C 119 7.61 -26.08 -58.09
C GLU C 119 9.01 -25.61 -58.40
N GLU C 120 9.25 -24.31 -58.21
CA GLU C 120 10.55 -23.72 -58.53
C GLU C 120 11.66 -24.49 -57.86
N ILE C 121 11.42 -24.92 -56.62
CA ILE C 121 12.41 -25.64 -55.80
C ILE C 121 12.63 -27.09 -56.27
N ARG C 122 11.56 -27.74 -56.76
CA ARG C 122 11.70 -29.08 -57.35
C ARG C 122 12.61 -29.06 -58.61
N LYS C 123 12.59 -27.94 -59.32
CA LYS C 123 13.25 -27.86 -60.63
C LYS C 123 14.70 -27.35 -60.56
N THR C 124 15.08 -26.65 -59.50
CA THR C 124 16.46 -26.16 -59.41
C THR C 124 17.42 -27.30 -59.05
N PHE C 125 17.06 -28.02 -57.99
CA PHE C 125 17.89 -29.12 -57.49
C PHE C 125 17.60 -30.46 -58.17
N ASN C 126 16.66 -30.46 -59.10
CA ASN C 126 16.18 -31.68 -59.75
C ASN C 126 15.60 -32.71 -58.74
N ILE C 127 14.49 -32.32 -58.09
CA ILE C 127 13.64 -33.25 -57.29
C ILE C 127 12.23 -33.33 -57.91
N LYS C 128 11.69 -34.55 -57.95
CA LYS C 128 10.37 -34.77 -58.51
C LYS C 128 9.37 -34.83 -57.37
N ASN C 129 8.14 -34.42 -57.67
CA ASN C 129 7.03 -34.42 -56.72
C ASN C 129 6.67 -35.87 -56.30
N ASP C 130 7.42 -36.42 -55.34
CA ASP C 130 7.29 -37.85 -55.03
C ASP C 130 6.11 -38.20 -54.08
N PHE C 131 5.06 -37.38 -54.07
CA PHE C 131 3.84 -37.67 -53.29
C PHE C 131 2.81 -38.48 -54.09
N THR C 132 1.88 -39.12 -53.38
CA THR C 132 0.61 -39.54 -53.96
C THR C 132 -0.16 -38.24 -54.23
N GLU C 133 -1.47 -38.30 -54.43
CA GLU C 133 -2.27 -37.09 -54.41
C GLU C 133 -3.15 -37.07 -53.16
N GLU C 134 -2.92 -38.05 -52.29
CA GLU C 134 -3.51 -38.13 -50.97
C GLU C 134 -2.68 -37.28 -50.01
N GLU C 135 -1.38 -37.58 -49.93
CA GLU C 135 -0.46 -36.80 -49.09
C GLU C 135 -0.25 -35.41 -49.63
N GLU C 136 -0.32 -35.24 -50.94
CA GLU C 136 -0.12 -33.91 -51.50
C GLU C 136 -1.32 -33.00 -51.25
N ALA C 137 -2.47 -33.57 -50.90
CA ALA C 137 -3.57 -32.81 -50.31
C ALA C 137 -3.16 -32.45 -48.88
N GLN C 138 -2.46 -33.39 -48.23
CA GLN C 138 -1.97 -33.15 -46.87
C GLN C 138 -1.06 -31.91 -46.73
N VAL C 139 0.12 -31.89 -47.37
CA VAL C 139 1.04 -30.72 -47.27
C VAL C 139 0.54 -29.46 -47.94
N ARG C 140 -0.50 -29.54 -48.77
CA ARG C 140 -1.23 -28.33 -49.04
C ARG C 140 -1.77 -27.93 -47.67
N LYS C 141 -2.51 -28.83 -46.99
CA LYS C 141 -3.23 -28.45 -45.74
C LYS C 141 -2.32 -27.93 -44.63
N GLU C 142 -1.54 -28.82 -44.05
CA GLU C 142 -0.66 -28.48 -42.94
C GLU C 142 0.05 -27.12 -43.12
N ASN C 143 0.30 -26.71 -44.37
CA ASN C 143 1.09 -25.48 -44.71
C ASN C 143 0.29 -24.36 -45.37
N GLN C 144 -1.04 -24.42 -45.28
N GLN C 144 -1.04 -24.44 -45.23
CA GLN C 144 -1.88 -23.36 -45.82
CA GLN C 144 -1.97 -23.43 -45.73
C GLN C 144 -1.77 -22.09 -45.00
C GLN C 144 -1.80 -22.13 -44.99
N TRP C 145 -1.33 -22.21 -43.74
CA TRP C 145 -1.11 -21.02 -42.89
C TRP C 145 -0.11 -19.95 -43.46
N CYS C 146 0.72 -20.29 -44.45
N CYS C 146 0.68 -20.31 -44.48
CA CYS C 146 1.70 -19.32 -44.97
CA CYS C 146 1.71 -19.42 -45.02
C CYS C 146 1.13 -18.26 -45.90
C CYS C 146 1.23 -18.39 -46.06
N GLU C 147 -0.01 -18.52 -46.54
CA GLU C 147 -0.66 -17.44 -47.32
C GLU C 147 -1.73 -16.75 -46.48
N GLU C 148 -1.27 -16.17 -45.38
CA GLU C 148 -2.06 -15.24 -44.56
C GLU C 148 -1.35 -13.89 -44.55
N LYS C 149 -2.13 -12.81 -44.57
CA LYS C 149 -1.64 -11.46 -44.90
C LYS C 149 -2.78 -10.40 -44.94
N GLY D 13 28.50 -35.65 -57.80
CA GLY D 13 27.23 -36.29 -58.19
C GLY D 13 26.09 -35.77 -57.35
N ARG D 14 26.34 -35.57 -56.04
CA ARG D 14 25.26 -35.44 -55.04
C ARG D 14 24.24 -34.37 -55.41
N SER D 15 22.97 -34.68 -55.18
CA SER D 15 21.90 -33.69 -55.25
C SER D 15 21.41 -33.36 -53.82
N LEU D 16 20.66 -32.28 -53.68
CA LEU D 16 20.27 -31.83 -52.34
C LEU D 16 19.48 -32.89 -51.58
N LEU D 17 18.74 -33.74 -52.27
CA LEU D 17 18.00 -34.81 -51.60
C LEU D 17 19.01 -35.78 -50.96
N GLU D 18 20.20 -35.88 -51.58
CA GLU D 18 21.36 -36.72 -51.16
C GLU D 18 22.34 -36.13 -50.08
N LEU D 19 21.78 -35.46 -49.07
CA LEU D 19 22.57 -35.09 -47.90
C LEU D 19 22.07 -35.74 -46.64
N PRO D 20 22.97 -35.89 -45.66
CA PRO D 20 22.59 -36.32 -44.30
C PRO D 20 21.52 -35.42 -43.68
N PRO D 21 20.52 -36.01 -43.02
CA PRO D 21 19.48 -35.20 -42.38
C PRO D 21 19.91 -34.17 -41.30
N GLU D 22 21.07 -34.33 -40.67
CA GLU D 22 21.50 -33.46 -39.55
C GLU D 22 21.94 -32.08 -40.06
N LEU D 23 22.44 -32.09 -41.29
CA LEU D 23 22.98 -30.94 -42.01
C LEU D 23 21.83 -30.27 -42.81
N LEU D 24 21.00 -31.08 -43.45
CA LEU D 24 19.75 -30.58 -43.99
C LEU D 24 19.02 -29.75 -42.91
N VAL D 25 18.98 -30.31 -41.71
CA VAL D 25 18.36 -29.62 -40.59
C VAL D 25 19.15 -28.34 -40.30
N GLU D 26 20.46 -28.29 -40.57
CA GLU D 26 21.22 -27.07 -40.26
C GLU D 26 20.84 -25.97 -41.22
N ILE D 27 20.88 -26.26 -42.52
CA ILE D 27 20.55 -25.23 -43.52
C ILE D 27 19.11 -24.69 -43.36
N PHE D 28 18.13 -25.55 -43.05
CA PHE D 28 16.72 -25.10 -42.85
C PHE D 28 16.51 -24.36 -41.55
N ALA D 29 17.17 -24.81 -40.48
CA ALA D 29 17.06 -24.11 -39.19
C ALA D 29 17.59 -22.69 -39.34
N SER D 30 18.42 -22.50 -40.39
CA SER D 30 18.99 -21.21 -40.73
C SER D 30 18.08 -20.31 -41.53
N LEU D 31 16.97 -20.82 -42.07
CA LEU D 31 16.13 -20.03 -43.02
C LEU D 31 14.97 -19.27 -42.34
N PRO D 32 14.47 -18.14 -42.94
CA PRO D 32 13.22 -17.57 -42.41
C PRO D 32 12.17 -18.67 -42.42
N GLY D 33 11.30 -18.67 -41.42
CA GLY D 33 10.31 -19.70 -41.21
C GLY D 33 9.20 -19.58 -42.21
N THR D 34 9.10 -18.44 -42.87
CA THR D 34 8.15 -18.27 -43.95
C THR D 34 8.62 -19.18 -45.09
N ASP D 35 9.94 -19.27 -45.30
CA ASP D 35 10.53 -20.10 -46.42
C ASP D 35 10.46 -21.63 -46.18
N LEU D 36 10.08 -22.08 -44.98
CA LEU D 36 9.89 -23.51 -44.66
C LEU D 36 8.60 -24.16 -45.22
N PRO D 37 7.44 -23.50 -45.12
CA PRO D 37 6.26 -24.08 -45.78
C PRO D 37 6.43 -24.54 -47.27
N SER D 38 7.19 -23.82 -48.08
CA SER D 38 7.42 -24.22 -49.49
C SER D 38 8.35 -25.42 -49.59
N LEU D 39 9.30 -25.53 -48.67
CA LEU D 39 10.17 -26.69 -48.58
C LEU D 39 9.43 -27.95 -48.11
N ALA D 40 8.53 -27.82 -47.15
CA ALA D 40 7.77 -28.96 -46.63
C ALA D 40 6.90 -29.67 -47.72
N GLN D 41 6.50 -28.90 -48.74
CA GLN D 41 5.77 -29.39 -49.92
C GLN D 41 6.67 -29.86 -51.07
N VAL D 42 7.98 -29.90 -50.87
CA VAL D 42 8.89 -30.27 -51.94
C VAL D 42 8.97 -31.81 -52.09
N CYS D 43 8.87 -32.57 -50.99
CA CYS D 43 8.84 -34.03 -51.12
C CYS D 43 8.70 -34.79 -49.81
N THR D 44 8.18 -36.01 -49.89
CA THR D 44 8.34 -37.04 -48.85
C THR D 44 9.37 -36.69 -47.75
N LYS D 45 10.64 -36.73 -48.09
CA LYS D 45 11.71 -36.60 -47.10
C LYS D 45 11.59 -35.25 -46.37
N PHE D 46 11.21 -34.22 -47.10
CA PHE D 46 11.25 -32.89 -46.53
C PHE D 46 10.20 -32.71 -45.44
N ARG D 47 8.92 -32.94 -45.76
CA ARG D 47 7.85 -32.84 -44.76
C ARG D 47 8.26 -33.55 -43.48
N ARG D 48 8.90 -34.70 -43.63
N ARG D 48 8.89 -34.72 -43.63
CA ARG D 48 9.29 -35.49 -42.49
CA ARG D 48 9.33 -35.50 -42.48
C ARG D 48 10.36 -34.76 -41.67
C ARG D 48 10.34 -34.70 -41.67
N ILE D 49 11.42 -34.33 -42.35
CA ILE D 49 12.57 -33.72 -41.71
C ILE D 49 12.21 -32.37 -41.11
N LEU D 50 11.32 -31.64 -41.79
CA LEU D 50 10.83 -30.37 -41.27
C LEU D 50 9.81 -30.50 -40.13
N HIS D 51 9.49 -31.72 -39.70
CA HIS D 51 8.74 -31.94 -38.45
C HIS D 51 9.67 -31.76 -37.21
N THR D 52 10.99 -31.61 -37.39
CA THR D 52 11.91 -31.45 -36.26
C THR D 52 11.71 -30.10 -35.60
N ASP D 53 11.31 -30.15 -34.33
CA ASP D 53 10.89 -28.96 -33.62
C ASP D 53 12.07 -28.02 -33.35
N THR D 54 13.23 -28.56 -33.00
CA THR D 54 14.41 -27.74 -32.84
C THR D 54 14.50 -26.64 -33.91
N ILE D 55 14.09 -26.98 -35.12
CA ILE D 55 14.13 -26.04 -36.22
C ILE D 55 13.22 -24.86 -36.00
N TRP D 56 11.97 -25.18 -35.67
CA TRP D 56 10.95 -24.17 -35.45
C TRP D 56 11.21 -23.50 -34.13
N ARG D 57 11.89 -24.19 -33.21
CA ARG D 57 12.21 -23.62 -31.91
C ARG D 57 13.14 -22.44 -32.09
N ARG D 58 14.03 -22.58 -33.06
CA ARG D 58 14.96 -21.53 -33.41
C ARG D 58 14.29 -20.35 -34.12
N ARG D 59 13.25 -20.61 -34.91
CA ARG D 59 12.63 -19.54 -35.69
C ARG D 59 11.85 -18.60 -34.78
N CYS D 60 11.05 -19.17 -33.90
N CYS D 60 11.03 -19.21 -33.93
CA CYS D 60 10.33 -18.38 -32.94
CA CYS D 60 10.36 -18.52 -32.85
C CYS D 60 11.31 -17.53 -32.15
C CYS D 60 11.32 -17.56 -32.21
N ARG D 61 12.42 -18.12 -31.73
CA ARG D 61 13.43 -17.39 -30.99
C ARG D 61 14.06 -16.27 -31.80
N GLU D 62 14.52 -16.56 -33.01
CA GLU D 62 15.33 -15.58 -33.78
C GLU D 62 14.46 -14.42 -34.37
N GLU D 63 13.25 -14.73 -34.79
CA GLU D 63 12.43 -13.80 -35.52
C GLU D 63 11.34 -13.19 -34.68
N TYR D 64 10.92 -13.89 -33.63
CA TYR D 64 9.91 -13.36 -32.72
C TYR D 64 10.44 -13.05 -31.28
N GLY D 65 11.69 -13.38 -31.00
CA GLY D 65 12.23 -13.16 -29.65
C GLY D 65 11.55 -14.01 -28.59
N VAL D 66 11.02 -15.16 -28.96
CA VAL D 66 10.28 -15.96 -28.01
C VAL D 66 10.91 -17.29 -27.87
N CYS D 67 11.12 -17.71 -26.62
N CYS D 67 11.03 -17.64 -26.60
CA CYS D 67 11.71 -19.05 -26.31
CA CYS D 67 11.55 -18.90 -26.14
C CYS D 67 10.80 -19.86 -25.37
C CYS D 67 10.35 -19.69 -25.61
N GLU D 68 10.32 -20.98 -25.87
CA GLU D 68 9.36 -21.85 -25.17
C GLU D 68 10.09 -22.86 -24.26
N ASN D 69 9.61 -23.00 -23.04
CA ASN D 69 10.13 -23.99 -22.11
C ASN D 69 9.79 -25.33 -22.75
N LEU D 70 10.46 -26.40 -22.37
CA LEU D 70 10.23 -27.71 -23.02
C LEU D 70 9.23 -28.57 -22.28
N ARG D 71 9.18 -28.33 -20.96
CA ARG D 71 8.20 -28.93 -20.04
C ARG D 71 6.75 -28.45 -20.21
N LYS D 72 6.53 -27.12 -20.24
CA LYS D 72 5.33 -26.50 -20.82
C LYS D 72 4.88 -27.14 -22.16
N LEU D 73 5.80 -27.33 -23.10
CA LEU D 73 5.46 -27.79 -24.42
C LEU D 73 5.10 -29.24 -24.42
N GLU D 74 5.72 -29.98 -23.52
CA GLU D 74 5.53 -31.41 -23.49
C GLU D 74 4.15 -31.73 -22.84
N ILE D 75 3.87 -31.07 -21.71
CA ILE D 75 2.56 -31.13 -21.01
C ILE D 75 1.33 -30.74 -21.89
N THR D 76 1.30 -29.49 -22.33
CA THR D 76 0.20 -28.92 -23.09
C THR D 76 0.06 -29.64 -24.43
N GLY D 77 1.17 -30.22 -24.89
CA GLY D 77 1.16 -30.98 -26.12
C GLY D 77 1.23 -30.04 -27.29
N VAL D 78 1.75 -28.84 -27.06
CA VAL D 78 1.83 -27.87 -28.13
C VAL D 78 3.29 -27.82 -28.56
N SER D 79 3.53 -27.93 -29.87
CA SER D 79 4.85 -27.85 -30.48
C SER D 79 5.18 -26.42 -30.96
N CYS D 80 6.47 -26.13 -31.07
N CYS D 80 6.47 -26.13 -31.08
CA CYS D 80 6.96 -24.89 -31.67
CA CYS D 80 6.92 -24.86 -31.66
C CYS D 80 6.51 -24.72 -33.13
C CYS D 80 6.54 -24.71 -33.15
N ARG D 81 6.33 -25.81 -33.86
CA ARG D 81 5.79 -25.72 -35.18
C ARG D 81 4.39 -25.08 -35.00
N ASP D 82 3.57 -25.68 -34.13
CA ASP D 82 2.22 -25.16 -33.89
C ASP D 82 2.32 -23.64 -33.67
N VAL D 83 3.16 -23.29 -32.70
CA VAL D 83 3.30 -21.93 -32.21
C VAL D 83 3.62 -20.92 -33.29
N TYR D 84 4.42 -21.31 -34.25
CA TYR D 84 4.85 -20.39 -35.28
C TYR D 84 3.71 -20.24 -36.25
N ALA D 85 3.10 -21.35 -36.64
CA ALA D 85 2.04 -21.35 -37.63
C ALA D 85 0.76 -20.62 -37.12
N LYS D 86 0.35 -21.05 -35.93
CA LYS D 86 -0.94 -20.80 -35.34
C LYS D 86 -1.02 -19.56 -34.39
N LEU D 87 0.09 -19.14 -33.79
CA LEU D 87 0.09 -18.00 -32.90
C LEU D 87 0.95 -16.88 -33.51
N LEU D 88 2.23 -17.15 -33.70
CA LEU D 88 3.16 -16.09 -34.02
C LEU D 88 2.89 -15.48 -35.40
N HIS D 89 2.98 -16.29 -36.43
CA HIS D 89 2.72 -15.84 -37.80
C HIS D 89 1.27 -15.37 -38.05
N ARG D 90 0.28 -16.15 -37.60
CA ARG D 90 -1.12 -15.73 -37.80
C ARG D 90 -1.38 -14.32 -37.33
N TYR D 91 -0.78 -13.96 -36.17
CA TYR D 91 -1.02 -12.71 -35.51
C TYR D 91 0.15 -11.75 -35.50
N ARG D 92 1.17 -12.05 -36.30
CA ARG D 92 2.31 -11.11 -36.44
C ARG D 92 1.93 -9.61 -36.57
N HIS D 93 0.89 -9.29 -37.31
CA HIS D 93 0.59 -7.89 -37.56
C HIS D 93 -0.07 -7.15 -36.41
N ILE D 94 -0.51 -7.83 -35.37
CA ILE D 94 -0.98 -7.11 -34.19
C ILE D 94 0.02 -6.93 -33.04
N LEU D 95 1.21 -7.54 -33.17
CA LEU D 95 2.31 -7.40 -32.17
C LEU D 95 2.87 -6.00 -32.18
N GLY D 96 3.04 -5.38 -31.04
CA GLY D 96 3.85 -4.17 -31.04
C GLY D 96 3.24 -3.12 -30.17
N LEU D 97 3.36 -1.85 -30.62
CA LEU D 97 2.90 -0.68 -29.85
C LEU D 97 1.81 0.11 -30.58
N TRP D 98 0.75 0.40 -29.85
CA TRP D 98 -0.51 0.81 -30.45
C TRP D 98 -1.12 1.93 -29.65
N GLN D 99 -1.89 2.75 -30.34
CA GLN D 99 -2.74 3.75 -29.69
C GLN D 99 -4.19 3.61 -30.17
N PRO D 100 -5.12 3.41 -29.21
CA PRO D 100 -6.47 3.19 -29.61
C PRO D 100 -7.04 4.49 -30.16
N ASP D 101 -8.01 4.38 -31.07
CA ASP D 101 -8.83 5.44 -31.61
C ASP D 101 -10.09 5.64 -30.76
N ILE D 102 -9.99 6.62 -29.86
CA ILE D 102 -10.96 6.87 -28.82
C ILE D 102 -11.13 8.38 -28.76
N GLY D 103 -11.87 8.98 -29.69
CA GLY D 103 -12.02 10.39 -29.69
C GLY D 103 -10.69 11.13 -29.43
N PRO D 104 -10.71 12.10 -28.49
CA PRO D 104 -9.49 12.85 -28.23
C PRO D 104 -8.58 12.17 -27.22
N TYR D 105 -9.05 11.12 -26.61
CA TYR D 105 -8.38 10.61 -25.47
C TYR D 105 -7.14 9.74 -25.78
N GLY D 106 -7.14 8.91 -26.81
CA GLY D 106 -5.96 8.01 -27.08
C GLY D 106 -5.74 6.91 -26.04
N GLY D 107 -4.49 6.60 -25.76
CA GLY D 107 -4.21 5.49 -24.86
C GLY D 107 -2.97 4.76 -25.30
N LEU D 108 -2.59 3.72 -24.56
CA LEU D 108 -1.34 3.02 -24.86
C LEU D 108 -1.47 1.53 -24.75
N LEU D 109 -1.21 0.80 -25.85
CA LEU D 109 -1.31 -0.67 -25.78
C LEU D 109 -0.05 -1.32 -26.30
N ASN D 110 0.48 -2.28 -25.55
CA ASN D 110 1.63 -3.03 -25.98
C ASN D 110 1.18 -4.47 -26.09
N VAL D 111 1.21 -4.98 -27.33
CA VAL D 111 0.79 -6.34 -27.59
C VAL D 111 2.03 -7.22 -27.70
N VAL D 112 2.04 -8.33 -26.98
CA VAL D 112 3.25 -9.02 -26.54
C VAL D 112 3.14 -10.54 -26.49
N VAL D 113 4.24 -11.28 -26.71
CA VAL D 113 4.19 -12.74 -26.57
C VAL D 113 4.65 -13.22 -25.19
N ASP D 114 3.98 -14.22 -24.68
CA ASP D 114 4.44 -14.83 -23.47
C ASP D 114 4.08 -16.31 -23.41
N GLY D 115 5.04 -17.15 -23.68
CA GLY D 115 4.82 -18.57 -23.60
C GLY D 115 3.87 -18.80 -24.74
N LEU D 116 2.74 -19.46 -24.44
CA LEU D 116 1.68 -19.81 -25.41
C LEU D 116 0.53 -18.73 -25.63
N PHE D 117 0.62 -17.60 -24.88
CA PHE D 117 -0.31 -16.44 -24.94
C PHE D 117 0.21 -15.36 -25.80
N ILE D 118 -0.68 -14.65 -26.47
CA ILE D 118 -0.36 -13.29 -26.91
C ILE D 118 -1.29 -12.39 -26.13
N ILE D 119 -0.79 -11.30 -25.61
CA ILE D 119 -1.56 -10.52 -24.67
C ILE D 119 -1.50 -9.06 -24.97
N GLY D 120 -2.68 -8.43 -25.04
CA GLY D 120 -2.82 -6.98 -25.15
C GLY D 120 -2.77 -6.26 -23.78
N TRP D 121 -1.64 -5.67 -23.45
CA TRP D 121 -1.51 -4.95 -22.18
C TRP D 121 -1.84 -3.46 -22.38
N MET D 122 -2.85 -2.95 -21.69
N MET D 122 -2.87 -2.95 -21.71
CA MET D 122 -3.13 -1.54 -21.78
CA MET D 122 -3.15 -1.54 -21.76
C MET D 122 -2.42 -0.89 -20.63
C MET D 122 -2.35 -0.93 -20.63
N TYR D 123 -1.67 0.16 -20.92
CA TYR D 123 -0.97 0.95 -19.90
C TYR D 123 -1.69 2.28 -19.62
N LEU D 124 -2.01 2.53 -18.36
CA LEU D 124 -2.69 3.73 -17.96
C LEU D 124 -1.80 4.43 -16.93
N PRO D 125 -1.90 5.75 -16.84
CA PRO D 125 -1.03 6.50 -15.94
C PRO D 125 -1.44 6.38 -14.50
N PRO D 126 -0.58 6.84 -13.58
CA PRO D 126 -0.99 6.84 -12.18
C PRO D 126 -2.09 7.87 -11.86
N HIS D 127 -2.55 7.91 -10.61
CA HIS D 127 -3.52 8.91 -10.20
C HIS D 127 -2.85 10.25 -10.22
N ASP D 128 -3.59 11.26 -10.63
CA ASP D 128 -3.16 12.68 -10.54
C ASP D 128 -2.75 12.97 -9.09
N PRO D 129 -1.70 13.77 -8.88
CA PRO D 129 -0.67 14.30 -9.79
C PRO D 129 0.68 13.56 -9.69
N HIS D 130 0.60 12.29 -9.29
CA HIS D 130 1.75 11.47 -8.92
C HIS D 130 2.55 10.93 -10.15
N VAL D 131 3.02 11.89 -10.93
CA VAL D 131 3.90 11.71 -12.09
C VAL D 131 5.00 10.66 -11.99
N ASP D 132 5.59 10.51 -10.81
CA ASP D 132 6.68 9.54 -10.55
C ASP D 132 6.19 8.14 -10.21
N ASP D 133 4.89 7.99 -9.96
CA ASP D 133 4.30 6.72 -9.52
C ASP D 133 4.24 5.77 -10.72
N PRO D 134 4.25 4.43 -10.49
CA PRO D 134 4.40 3.61 -11.70
C PRO D 134 3.10 3.59 -12.51
N MET D 135 3.22 3.35 -13.83
CA MET D 135 2.07 3.04 -14.73
C MET D 135 1.25 1.89 -14.19
N ARG D 136 -0.05 2.09 -14.18
CA ARG D 136 -0.99 1.00 -13.97
C ARG D 136 -1.06 0.22 -15.27
N PHE D 137 -1.24 -1.09 -15.23
CA PHE D 137 -1.34 -1.89 -16.47
C PHE D 137 -2.45 -2.94 -16.35
N LYS D 138 -3.06 -3.32 -17.47
CA LYS D 138 -4.07 -4.41 -17.42
C LYS D 138 -4.27 -5.04 -18.78
N PRO D 139 -4.51 -6.35 -18.80
CA PRO D 139 -4.81 -7.03 -20.03
C PRO D 139 -6.18 -6.63 -20.63
N LEU D 140 -6.21 -6.32 -21.92
CA LEU D 140 -7.47 -6.16 -22.62
C LEU D 140 -7.97 -7.38 -23.36
N PHE D 141 -7.06 -8.23 -23.84
CA PHE D 141 -7.43 -9.49 -24.51
C PHE D 141 -6.22 -10.37 -24.48
N ARG D 142 -6.44 -11.63 -24.83
CA ARG D 142 -5.36 -12.56 -24.90
C ARG D 142 -5.71 -13.61 -25.88
N ILE D 143 -4.68 -14.05 -26.61
CA ILE D 143 -4.80 -15.09 -27.65
C ILE D 143 -3.97 -16.22 -27.10
N HIS D 144 -4.49 -17.44 -27.14
CA HIS D 144 -3.90 -18.62 -26.47
C HIS D 144 -4.10 -19.91 -27.25
N LEU D 145 -2.97 -20.60 -27.41
CA LEU D 145 -2.84 -21.83 -28.20
C LEU D 145 -2.88 -23.10 -27.35
N MET D 146 -3.70 -24.06 -27.78
CA MET D 146 -3.84 -25.37 -27.15
C MET D 146 -3.47 -26.49 -28.10
N GLU D 147 -3.30 -27.69 -27.55
CA GLU D 147 -3.17 -28.82 -28.45
C GLU D 147 -4.45 -28.97 -29.29
N ARG D 148 -4.21 -29.06 -30.61
CA ARG D 148 -5.15 -29.49 -31.71
C ARG D 148 -6.08 -28.40 -32.25
N LYS D 149 -5.98 -27.19 -31.73
CA LYS D 149 -6.98 -26.18 -31.98
C LYS D 149 -6.40 -24.91 -32.61
N ALA D 150 -7.18 -24.22 -33.40
CA ALA D 150 -6.89 -22.81 -33.59
C ALA D 150 -6.70 -22.16 -32.19
N ALA D 151 -5.89 -21.12 -32.11
CA ALA D 151 -5.74 -20.41 -30.83
C ALA D 151 -7.03 -19.69 -30.58
N THR D 152 -7.30 -19.49 -29.29
CA THR D 152 -8.52 -18.88 -28.76
C THR D 152 -8.35 -17.42 -28.41
N VAL D 153 -9.17 -16.56 -29.05
CA VAL D 153 -9.20 -15.16 -28.69
C VAL D 153 -10.20 -14.95 -27.60
N GLU D 154 -9.81 -14.19 -26.61
CA GLU D 154 -10.69 -13.81 -25.53
C GLU D 154 -10.61 -12.33 -25.16
N CYS D 155 -11.75 -11.77 -24.80
CA CYS D 155 -11.82 -10.42 -24.28
C CYS D 155 -11.63 -10.46 -22.74
N MET D 156 -10.83 -9.59 -22.19
CA MET D 156 -10.51 -9.65 -20.75
C MET D 156 -11.14 -8.53 -19.96
N TYR D 157 -12.00 -7.78 -20.59
CA TYR D 157 -12.54 -6.61 -19.97
C TYR D 157 -13.57 -7.04 -18.99
N GLY D 158 -13.75 -6.17 -18.00
CA GLY D 158 -14.73 -6.39 -16.96
C GLY D 158 -14.21 -7.19 -15.79
N HIS D 159 -15.13 -7.71 -15.03
CA HIS D 159 -14.81 -8.44 -13.81
C HIS D 159 -15.63 -9.69 -13.73
N LYS D 160 -16.01 -10.28 -14.87
CA LYS D 160 -16.64 -11.61 -14.83
C LYS D 160 -15.79 -12.59 -15.56
N GLY D 161 -14.50 -12.24 -15.68
CA GLY D 161 -13.52 -13.15 -16.24
C GLY D 161 -13.36 -13.04 -17.73
N PRO D 162 -12.34 -13.71 -18.26
CA PRO D 162 -12.20 -13.86 -19.73
C PRO D 162 -13.44 -14.44 -20.42
N HIS D 163 -13.65 -14.05 -21.67
CA HIS D 163 -14.81 -14.53 -22.41
C HIS D 163 -14.51 -14.37 -23.89
N HIS D 164 -15.15 -15.14 -24.75
CA HIS D 164 -14.85 -15.13 -26.18
C HIS D 164 -14.89 -13.67 -26.60
N GLY D 165 -13.88 -13.25 -27.38
CA GLY D 165 -13.88 -11.97 -28.10
C GLY D 165 -13.31 -12.18 -29.51
N HIS D 166 -12.91 -11.10 -30.18
CA HIS D 166 -12.48 -11.20 -31.57
C HIS D 166 -11.37 -10.24 -31.93
N ILE D 167 -10.65 -10.56 -32.99
CA ILE D 167 -9.56 -9.71 -33.49
C ILE D 167 -9.70 -9.56 -34.96
N GLN D 168 -9.74 -8.34 -35.43
CA GLN D 168 -9.74 -8.15 -36.85
C GLN D 168 -8.50 -7.38 -37.24
N ILE D 169 -7.81 -7.88 -38.25
CA ILE D 169 -6.65 -7.21 -38.80
C ILE D 169 -7.10 -6.52 -40.09
N VAL D 170 -6.85 -5.21 -40.19
CA VAL D 170 -7.28 -4.39 -41.32
C VAL D 170 -6.12 -4.17 -42.30
N LYS D 171 -5.00 -3.67 -41.76
CA LYS D 171 -3.68 -3.62 -42.42
C LYS D 171 -2.54 -3.94 -41.42
N LYS D 172 -1.28 -3.83 -41.87
CA LYS D 172 -0.13 -4.03 -40.98
C LYS D 172 -0.23 -3.03 -39.83
N ASP D 173 -0.81 -1.84 -40.08
CA ASP D 173 -0.69 -0.70 -39.13
C ASP D 173 -1.95 -0.36 -38.35
N GLU D 174 -2.86 -1.32 -38.30
CA GLU D 174 -4.10 -1.17 -37.55
C GLU D 174 -4.87 -2.49 -37.39
N PHE D 175 -5.37 -2.73 -36.19
CA PHE D 175 -6.28 -3.82 -35.96
C PHE D 175 -7.38 -3.33 -35.01
N SER D 176 -8.34 -4.19 -34.74
CA SER D 176 -9.34 -3.87 -33.78
C SER D 176 -9.79 -5.10 -32.97
N THR D 177 -10.52 -4.82 -31.90
CA THR D 177 -11.04 -5.84 -31.03
C THR D 177 -12.56 -5.69 -30.99
N LYS D 178 -13.26 -6.81 -31.04
CA LYS D 178 -14.68 -6.82 -30.87
C LYS D 178 -15.10 -7.89 -29.88
N CYS D 179 -15.91 -7.50 -28.94
CA CYS D 179 -16.58 -8.38 -28.07
C CYS D 179 -18.12 -8.26 -28.25
N ASN D 180 -18.76 -9.38 -28.55
CA ASN D 180 -20.21 -9.55 -28.67
C ASN D 180 -20.75 -10.24 -27.41
N GLN D 181 -20.05 -10.24 -26.27
CA GLN D 181 -20.69 -10.70 -25.04
C GLN D 181 -20.46 -9.66 -23.91
N THR D 182 -20.96 -8.44 -24.15
CA THR D 182 -20.61 -7.32 -23.32
C THR D 182 -21.32 -7.33 -21.99
N ASP D 183 -22.31 -8.19 -21.82
CA ASP D 183 -22.88 -8.42 -20.48
C ASP D 183 -21.80 -8.71 -19.39
N HIS D 184 -20.67 -9.30 -19.80
CA HIS D 184 -19.53 -9.48 -18.93
C HIS D 184 -18.94 -8.17 -18.36
N HIS D 185 -19.20 -7.04 -19.02
CA HIS D 185 -18.66 -5.74 -18.60
C HIS D 185 -19.47 -5.03 -17.55
N ARG D 186 -20.72 -5.42 -17.50
CA ARG D 186 -21.70 -4.82 -16.65
C ARG D 186 -21.55 -5.38 -15.23
N MET D 187 -21.82 -4.57 -14.24
CA MET D 187 -21.71 -4.97 -12.88
C MET D 187 -23.08 -5.03 -12.28
N SER D 188 -23.12 -5.64 -11.11
CA SER D 188 -24.36 -5.78 -10.41
C SER D 188 -24.90 -4.44 -9.96
N GLY D 189 -24.05 -3.53 -9.47
CA GLY D 189 -24.56 -2.23 -9.09
C GLY D 189 -24.88 -1.25 -10.24
N GLY D 190 -24.89 -1.75 -11.48
CA GLY D 190 -25.20 -0.92 -12.65
C GLY D 190 -24.09 0.05 -13.02
N ARG D 191 -24.46 1.05 -13.80
CA ARG D 191 -23.45 1.92 -14.34
C ARG D 191 -23.00 2.79 -13.24
N GLN D 192 -23.80 2.92 -12.20
CA GLN D 192 -23.34 3.65 -11.06
C GLN D 192 -22.10 3.02 -10.50
N GLU D 193 -22.11 1.70 -10.36
CA GLU D 193 -20.95 1.02 -9.78
C GLU D 193 -19.75 1.04 -10.74
N GLU D 194 -20.00 0.91 -12.04
CA GLU D 194 -18.91 0.93 -13.03
C GLU D 194 -18.12 2.22 -12.93
N PHE D 195 -18.86 3.30 -12.78
CA PHE D 195 -18.25 4.59 -12.62
C PHE D 195 -17.45 4.64 -11.36
N ARG D 196 -18.07 4.26 -10.24
CA ARG D 196 -17.41 4.38 -8.92
C ARG D 196 -16.12 3.58 -8.97
N THR D 197 -16.19 2.43 -9.60
CA THR D 197 -15.06 1.54 -9.72
C THR D 197 -13.98 2.06 -10.64
N TRP D 198 -14.41 2.75 -11.69
CA TRP D 198 -13.48 3.36 -12.67
C TRP D 198 -12.78 4.57 -12.01
N LEU D 199 -13.54 5.41 -11.30
CA LEU D 199 -12.96 6.49 -10.48
C LEU D 199 -11.89 5.97 -9.51
N ARG D 200 -12.21 4.88 -8.82
CA ARG D 200 -11.29 4.30 -7.83
C ARG D 200 -9.99 4.01 -8.51
N GLU D 201 -10.08 3.26 -9.59
CA GLU D 201 -8.91 2.92 -10.36
C GLU D 201 -8.15 4.16 -10.91
N GLU D 202 -8.84 5.14 -11.48
CA GLU D 202 -8.15 6.15 -12.32
C GLU D 202 -7.70 7.36 -11.55
N TRP D 203 -8.38 7.56 -10.43
CA TRP D 203 -8.20 8.71 -9.62
C TRP D 203 -8.03 8.36 -8.14
N GLY D 204 -8.61 7.30 -7.63
CA GLY D 204 -8.42 7.00 -6.22
C GLY D 204 -9.09 7.98 -5.27
N ARG D 205 -9.94 8.90 -5.75
CA ARG D 205 -10.80 9.76 -4.90
C ARG D 205 -12.25 9.68 -5.32
N THR D 206 -13.16 9.86 -4.37
CA THR D 206 -14.57 10.00 -4.74
C THR D 206 -14.70 11.28 -5.54
N LEU D 207 -15.81 11.47 -6.28
CA LEU D 207 -16.17 12.78 -6.94
C LEU D 207 -16.20 14.04 -6.01
N GLU D 208 -17.01 14.04 -4.92
CA GLU D 208 -17.00 15.18 -3.98
C GLU D 208 -15.57 15.62 -3.63
N ASP D 209 -14.66 14.68 -3.37
CA ASP D 209 -13.27 15.01 -2.97
C ASP D 209 -12.36 15.59 -4.04
N ILE D 210 -12.75 15.48 -5.31
CA ILE D 210 -12.06 16.24 -6.34
C ILE D 210 -12.70 17.63 -6.22
N PHE D 211 -11.86 18.58 -5.99
CA PHE D 211 -12.34 19.82 -5.49
C PHE D 211 -13.00 20.65 -6.59
N HIS D 212 -12.34 20.65 -7.74
CA HIS D 212 -12.73 21.49 -8.87
C HIS D 212 -13.87 20.93 -9.78
N GLU D 213 -14.99 21.64 -9.83
CA GLU D 213 -16.18 21.22 -10.63
C GLU D 213 -15.92 20.96 -12.15
N HIS D 214 -15.03 21.78 -12.72
CA HIS D 214 -14.62 21.62 -14.06
C HIS D 214 -13.97 20.29 -14.14
N MET D 215 -13.00 20.05 -13.24
CA MET D 215 -12.26 18.76 -13.21
C MET D 215 -13.20 17.58 -13.20
N GLN D 216 -14.26 17.69 -12.41
CA GLN D 216 -15.21 16.62 -12.23
C GLN D 216 -16.10 16.44 -13.42
N GLU D 217 -16.46 17.55 -14.06
CA GLU D 217 -17.15 17.46 -15.33
C GLU D 217 -16.35 16.81 -16.45
N LEU D 218 -15.09 17.21 -16.61
CA LEU D 218 -14.20 16.54 -17.52
C LEU D 218 -14.14 15.01 -17.25
N ILE D 219 -14.00 14.62 -15.99
CA ILE D 219 -13.90 13.19 -15.66
C ILE D 219 -15.15 12.46 -16.11
N LEU D 220 -16.28 13.00 -15.68
CA LEU D 220 -17.57 12.45 -16.04
C LEU D 220 -17.69 12.28 -17.56
N MET D 221 -17.39 13.30 -18.33
CA MET D 221 -17.52 13.19 -19.77
C MET D 221 -16.54 12.16 -20.34
N LYS D 222 -15.38 11.98 -19.71
CA LYS D 222 -14.43 11.00 -20.24
C LYS D 222 -14.95 9.57 -20.01
N PHE D 223 -15.47 9.35 -18.80
CA PHE D 223 -15.93 8.03 -18.44
C PHE D 223 -16.94 7.64 -19.48
N ILE D 224 -18.01 8.41 -19.49
CA ILE D 224 -19.10 8.21 -20.39
C ILE D 224 -18.58 8.01 -21.79
N TYR D 225 -17.69 8.87 -22.29
CA TYR D 225 -17.36 8.80 -23.73
C TYR D 225 -16.58 7.52 -24.00
N THR D 226 -15.60 7.26 -23.13
CA THR D 226 -14.70 6.10 -23.30
C THR D 226 -15.46 4.78 -23.10
N SER D 227 -16.37 4.77 -22.14
CA SER D 227 -17.08 3.57 -21.87
C SER D 227 -18.13 3.21 -22.95
N GLN D 228 -18.44 4.13 -23.85
CA GLN D 228 -19.23 3.78 -25.00
C GLN D 228 -18.51 2.82 -25.94
N TYR D 229 -17.19 2.75 -25.93
CA TYR D 229 -16.55 1.85 -26.85
C TYR D 229 -16.63 0.42 -26.32
N ASP D 230 -16.81 0.26 -25.04
CA ASP D 230 -17.12 -1.05 -24.48
C ASP D 230 -16.13 -2.14 -24.98
N ASN D 231 -14.82 -1.79 -24.96
CA ASN D 231 -13.68 -2.57 -25.56
C ASN D 231 -13.78 -3.13 -27.02
N CYS D 232 -14.68 -2.54 -27.84
CA CYS D 232 -14.67 -2.66 -29.30
C CYS D 232 -13.96 -1.43 -29.86
N LEU D 233 -12.67 -1.61 -30.16
CA LEU D 233 -11.72 -0.55 -30.39
C LEU D 233 -10.83 -0.82 -31.59
N THR D 234 -10.48 0.22 -32.34
CA THR D 234 -9.42 0.07 -33.30
C THR D 234 -8.19 0.80 -32.86
N TYR D 235 -7.08 0.27 -33.31
CA TYR D 235 -5.79 0.58 -32.78
C TYR D 235 -4.96 0.95 -33.95
N ARG D 236 -4.12 1.97 -33.77
CA ARG D 236 -3.20 2.37 -34.82
C ARG D 236 -1.81 2.21 -34.27
N ARG D 237 -0.85 1.84 -35.12
CA ARG D 237 0.50 1.58 -34.66
C ARG D 237 1.24 2.83 -34.28
N ILE D 238 1.99 2.73 -33.22
CA ILE D 238 2.94 3.75 -32.94
C ILE D 238 4.29 3.09 -32.63
N TYR D 239 5.31 3.92 -32.58
CA TYR D 239 6.69 3.51 -32.41
C TYR D 239 7.35 4.30 -31.29
N LEU D 240 8.36 3.69 -30.69
CA LEU D 240 9.21 4.41 -29.78
C LEU D 240 10.17 5.24 -30.62
N PRO D 241 10.59 6.41 -30.08
CA PRO D 241 11.53 7.30 -30.76
C PRO D 241 12.94 6.73 -30.89
N PRO D 242 13.70 7.19 -31.89
CA PRO D 242 15.04 6.62 -32.04
C PRO D 242 16.04 7.20 -31.02
N SER D 243 17.16 6.52 -30.82
CA SER D 243 18.23 7.11 -30.02
C SER D 243 19.38 7.64 -30.92
N ARG D 244 20.22 8.45 -30.29
CA ARG D 244 21.36 9.15 -30.92
C ARG D 244 22.36 9.56 -29.78
N PRO D 245 23.68 9.28 -29.95
CA PRO D 245 24.57 9.39 -28.77
C PRO D 245 24.66 10.83 -28.27
N ASP D 246 24.97 11.71 -29.22
CA ASP D 246 24.88 13.11 -28.99
C ASP D 246 23.52 13.53 -29.50
N ASP D 247 23.46 14.60 -30.27
CA ASP D 247 22.25 15.36 -30.43
C ASP D 247 21.07 14.59 -29.76
N LEU D 248 21.19 14.36 -28.45
CA LEU D 248 20.20 13.57 -27.68
C LEU D 248 20.40 13.61 -26.18
N ILE D 249 19.34 13.98 -25.48
CA ILE D 249 19.24 13.92 -24.04
C ILE D 249 18.10 12.92 -23.57
N LYS D 250 17.79 11.95 -24.45
CA LYS D 250 17.36 10.56 -24.11
C LYS D 250 15.83 10.17 -24.25
N PRO D 251 15.38 9.81 -25.48
CA PRO D 251 13.94 9.84 -25.85
C PRO D 251 13.07 8.75 -25.22
N GLY D 252 11.78 9.00 -25.05
CA GLY D 252 10.85 7.99 -24.60
C GLY D 252 9.60 8.64 -24.08
N LEU D 253 8.79 7.84 -23.39
CA LEU D 253 7.49 8.26 -22.90
C LEU D 253 7.53 8.80 -21.47
N PHE D 254 6.81 9.90 -21.22
CA PHE D 254 6.69 10.50 -19.89
C PHE D 254 5.22 10.57 -19.48
N LYS D 255 5.01 10.57 -18.18
CA LYS D 255 3.71 10.88 -17.61
C LYS D 255 3.78 12.37 -17.19
N GLY D 256 2.84 13.20 -17.68
CA GLY D 256 2.91 14.63 -17.42
C GLY D 256 1.60 15.28 -17.07
N THR D 257 1.62 16.29 -16.16
CA THR D 257 0.38 16.91 -15.65
C THR D 257 -0.24 17.95 -16.58
N TYR D 258 -1.56 17.90 -16.70
CA TYR D 258 -2.30 18.79 -17.59
C TYR D 258 -3.49 19.40 -16.85
N GLY D 259 -3.27 19.92 -15.64
CA GLY D 259 -4.33 20.63 -14.96
C GLY D 259 -5.59 19.79 -14.79
N SER D 260 -6.74 20.37 -15.10
CA SER D 260 -8.07 19.76 -15.01
C SER D 260 -8.15 18.40 -15.67
N HIS D 261 -7.42 18.27 -16.76
CA HIS D 261 -7.44 17.05 -17.55
C HIS D 261 -6.75 15.90 -16.82
N GLY D 262 -5.94 16.20 -15.81
CA GLY D 262 -5.27 15.18 -14.99
C GLY D 262 -4.04 14.71 -15.75
N LEU D 263 -3.46 13.56 -15.39
CA LEU D 263 -2.25 13.11 -16.12
C LEU D 263 -2.57 12.76 -17.58
N GLU D 264 -1.52 12.88 -18.38
CA GLU D 264 -1.51 12.60 -19.77
C GLU D 264 -0.13 12.06 -20.13
N ILE D 265 -0.09 11.24 -21.20
CA ILE D 265 1.15 10.58 -21.66
C ILE D 265 1.65 11.26 -22.92
N VAL D 266 2.94 11.62 -22.86
CA VAL D 266 3.58 12.42 -23.87
C VAL D 266 4.90 11.77 -24.30
N MET D 267 5.07 11.66 -25.60
CA MET D 267 6.27 11.09 -26.16
C MET D 267 7.26 12.17 -26.54
N LEU D 268 8.47 12.07 -25.96
CA LEU D 268 9.64 12.91 -26.31
C LEU D 268 10.50 12.27 -27.39
N SER D 269 10.56 12.91 -28.56
CA SER D 269 11.38 12.49 -29.70
C SER D 269 12.33 13.63 -30.20
N PHE D 270 13.28 13.30 -31.10
CA PHE D 270 14.36 14.24 -31.53
C PHE D 270 14.55 14.38 -33.04
N HIS D 271 14.45 15.62 -33.52
CA HIS D 271 14.49 15.95 -34.94
C HIS D 271 15.55 17.04 -35.17
N GLY D 272 16.75 16.84 -34.63
CA GLY D 272 17.86 17.80 -34.73
C GLY D 272 17.93 18.85 -33.62
N ARG D 273 17.94 20.13 -34.00
CA ARG D 273 17.94 21.29 -33.09
C ARG D 273 16.51 21.63 -32.66
N ARG D 274 15.89 20.64 -32.07
CA ARG D 274 14.47 20.48 -32.14
C ARG D 274 14.06 19.22 -31.35
N ALA D 275 13.36 19.41 -30.24
CA ALA D 275 12.75 18.27 -29.58
C ALA D 275 11.20 18.39 -29.66
N ARG D 276 10.53 17.30 -30.06
CA ARG D 276 9.06 17.24 -30.17
C ARG D 276 8.42 16.47 -29.01
N GLY D 277 7.51 17.14 -28.30
CA GLY D 277 6.61 16.46 -27.34
C GLY D 277 5.22 16.11 -27.92
N THR D 278 4.98 14.82 -28.20
CA THR D 278 3.71 14.31 -28.78
C THR D 278 2.72 13.57 -27.82
N LYS D 279 1.43 13.87 -27.91
CA LYS D 279 0.43 13.25 -27.03
C LYS D 279 0.14 11.82 -27.43
N ILE D 280 0.24 10.92 -26.47
CA ILE D 280 -0.11 9.53 -26.70
C ILE D 280 -1.49 9.35 -26.18
N THR D 281 -1.75 10.01 -25.04
CA THR D 281 -3.11 10.29 -24.58
C THR D 281 -3.31 11.78 -24.46
N GLY D 282 -4.54 12.19 -24.62
CA GLY D 282 -4.85 13.59 -24.70
C GLY D 282 -6.20 13.90 -24.11
N ASP D 283 -6.71 15.09 -24.47
CA ASP D 283 -7.94 15.60 -23.93
C ASP D 283 -8.66 16.43 -25.01
N PRO D 284 -9.83 16.99 -24.67
CA PRO D 284 -10.66 17.60 -25.75
C PRO D 284 -10.17 18.95 -26.27
N ASN D 285 -9.36 19.63 -25.47
CA ASN D 285 -8.55 20.78 -25.94
C ASN D 285 -7.47 20.39 -26.94
N ILE D 286 -6.43 19.71 -26.47
CA ILE D 286 -5.39 19.15 -27.34
C ILE D 286 -5.52 17.62 -27.35
N PRO D 287 -6.11 17.06 -28.42
CA PRO D 287 -6.33 15.61 -28.55
C PRO D 287 -5.04 14.86 -28.71
N ALA D 288 -5.12 13.55 -28.50
CA ALA D 288 -4.03 12.62 -28.73
C ALA D 288 -3.60 12.52 -30.20
N GLY D 289 -2.28 12.58 -30.44
CA GLY D 289 -1.67 12.59 -31.81
C GLY D 289 -1.04 13.92 -32.22
N GLN D 290 -1.39 14.98 -31.49
CA GLN D 290 -1.01 16.35 -31.73
C GLN D 290 0.26 16.77 -31.00
N GLN D 291 0.94 17.77 -31.55
CA GLN D 291 2.19 18.16 -30.98
C GLN D 291 1.89 19.10 -29.84
N THR D 292 1.91 18.61 -28.60
CA THR D 292 1.71 19.48 -27.43
C THR D 292 2.94 20.35 -27.13
N VAL D 293 4.09 19.98 -27.63
CA VAL D 293 5.28 20.70 -27.21
C VAL D 293 6.40 20.65 -28.24
N GLU D 294 7.04 21.80 -28.44
CA GLU D 294 8.25 21.89 -29.27
C GLU D 294 9.21 22.70 -28.43
N ILE D 295 10.49 22.37 -28.55
CA ILE D 295 11.56 22.93 -27.73
C ILE D 295 12.66 23.25 -28.73
N ASP D 296 12.91 24.55 -28.91
CA ASP D 296 13.98 24.99 -29.78
C ASP D 296 15.34 24.77 -29.11
N LEU D 297 16.05 23.75 -29.58
CA LEU D 297 17.21 23.31 -28.84
C LEU D 297 18.27 24.37 -28.91
N ARG D 298 18.38 25.05 -30.05
CA ARG D 298 19.45 26.06 -30.17
C ARG D 298 19.19 27.40 -29.51
N HIS D 299 18.43 27.42 -28.41
CA HIS D 299 18.30 28.61 -27.57
C HIS D 299 18.20 28.17 -26.10
N ARG D 300 19.35 28.16 -25.40
CA ARG D 300 19.44 27.91 -23.94
C ARG D 300 19.09 29.19 -23.16
N ILE D 301 18.97 29.09 -21.83
CA ILE D 301 18.78 30.26 -20.98
C ILE D 301 19.82 30.26 -19.83
N GLN D 302 19.96 31.40 -19.15
CA GLN D 302 20.76 31.49 -17.92
C GLN D 302 19.77 31.52 -16.75
N LEU D 303 20.04 30.69 -15.74
CA LEU D 303 19.13 30.55 -14.60
C LEU D 303 19.28 31.75 -13.68
N PRO D 304 18.23 32.61 -13.55
CA PRO D 304 18.38 33.71 -12.60
C PRO D 304 18.37 33.20 -11.14
N ASP D 305 19.38 33.57 -10.33
CA ASP D 305 19.54 33.06 -8.94
C ASP D 305 18.29 33.28 -8.05
N LEU D 306 18.20 32.53 -6.95
CA LEU D 306 16.90 32.23 -6.28
C LEU D 306 15.91 33.39 -6.09
N GLU D 307 16.43 34.60 -5.87
CA GLU D 307 15.60 35.81 -5.72
C GLU D 307 14.96 36.34 -7.03
N ASN D 308 15.40 35.83 -8.18
CA ASN D 308 14.95 36.34 -9.49
C ASN D 308 14.09 35.36 -10.33
N GLN D 309 13.83 34.19 -9.76
CA GLN D 309 12.86 33.27 -10.33
C GLN D 309 11.51 33.48 -9.62
N ARG D 310 11.52 33.66 -8.29
CA ARG D 310 10.30 34.01 -7.52
C ARG D 310 9.76 35.40 -7.94
N ASN D 311 10.65 36.22 -8.47
CA ASN D 311 10.26 37.35 -9.29
C ASN D 311 9.69 36.70 -10.56
N PHE D 312 8.41 36.96 -10.88
CA PHE D 312 7.78 36.38 -12.08
C PHE D 312 7.93 37.20 -13.39
N ASN D 313 7.93 38.53 -13.28
CA ASN D 313 7.98 39.37 -14.50
C ASN D 313 9.34 39.43 -15.18
N GLU D 314 10.41 39.16 -14.39
CA GLU D 314 11.75 38.90 -14.95
C GLU D 314 11.74 37.51 -15.60
N LEU D 315 11.16 36.53 -14.92
CA LEU D 315 10.87 35.26 -15.56
C LEU D 315 10.17 35.51 -16.92
N SER D 316 9.11 36.31 -16.94
CA SER D 316 8.34 36.52 -18.18
C SER D 316 9.12 37.21 -19.32
N ARG D 317 9.83 38.30 -19.01
CA ARG D 317 10.49 39.15 -20.03
C ARG D 317 11.46 38.44 -21.02
N ILE D 318 12.41 37.66 -20.49
CA ILE D 318 13.50 37.06 -21.32
C ILE D 318 12.94 36.09 -22.35
N VAL D 319 11.86 35.37 -21.98
CA VAL D 319 11.20 34.40 -22.88
C VAL D 319 10.43 35.16 -23.94
N LEU D 320 9.70 36.18 -23.52
CA LEU D 320 9.05 37.09 -24.45
C LEU D 320 10.13 37.66 -25.38
N GLU D 321 11.32 37.95 -24.84
CA GLU D 321 12.50 38.31 -25.66
C GLU D 321 13.03 37.17 -26.56
N VAL D 322 13.25 35.98 -26.01
CA VAL D 322 13.76 34.82 -26.78
C VAL D 322 12.78 34.39 -27.90
N ARG D 323 11.50 34.71 -27.70
CA ARG D 323 10.47 34.65 -28.74
C ARG D 323 10.84 35.59 -29.90
N GLU D 324 11.13 36.86 -29.58
CA GLU D 324 11.50 37.88 -30.60
C GLU D 324 12.65 37.48 -31.55
N ARG D 325 13.74 36.97 -31.00
CA ARG D 325 14.92 36.62 -31.81
C ARG D 325 14.61 35.50 -32.83
N VAL D 326 13.83 34.51 -32.40
CA VAL D 326 13.57 33.32 -33.22
C VAL D 326 12.80 33.62 -34.52
N ARG D 327 11.74 34.40 -34.43
CA ARG D 327 10.92 34.69 -35.62
C ARG D 327 11.66 35.64 -36.57
N GLN D 328 12.70 36.32 -36.09
CA GLN D 328 13.58 37.13 -36.97
C GLN D 328 14.28 36.25 -38.01
N GLU D 329 14.58 35.02 -37.62
CA GLU D 329 15.35 34.11 -38.47
C GLU D 329 14.43 33.26 -39.37
N GLN D 330 13.24 32.89 -38.88
CA GLN D 330 12.25 32.10 -39.67
C GLN D 330 11.83 32.79 -40.98
N GLN D 331 11.84 34.13 -40.99
CA GLN D 331 11.55 34.91 -42.21
C GLN D 331 12.84 35.27 -42.96
N GLU D 332 13.94 35.50 -42.23
CA GLU D 332 15.26 35.67 -42.86
C GLU D 332 16.39 35.61 -41.84
N GLY D 392 24.02 19.81 -10.03
CA GLY D 392 22.67 20.30 -9.79
C GLY D 392 22.65 21.65 -9.09
N GLN D 393 21.66 22.49 -9.42
CA GLN D 393 21.56 23.89 -8.93
C GLN D 393 20.12 24.41 -8.72
N PRO D 394 19.88 25.16 -7.62
CA PRO D 394 18.55 25.52 -7.07
C PRO D 394 17.53 26.11 -8.04
N PHE D 395 16.27 25.70 -7.87
CA PHE D 395 15.18 26.05 -8.77
C PHE D 395 13.86 26.25 -8.03
N VAL D 396 13.17 27.33 -8.36
CA VAL D 396 12.05 27.87 -7.58
C VAL D 396 10.95 28.43 -8.48
N LEU D 397 9.75 27.88 -8.36
CA LEU D 397 8.59 28.43 -9.06
C LEU D 397 8.47 29.95 -8.80
N PRO D 398 8.15 30.72 -9.85
CA PRO D 398 7.83 32.14 -9.69
C PRO D 398 6.55 32.42 -8.91
N VAL D 399 6.59 33.46 -8.07
CA VAL D 399 5.39 33.94 -7.38
C VAL D 399 4.32 34.34 -8.42
N GLY D 400 3.19 33.64 -8.42
CA GLY D 400 2.11 33.88 -9.38
C GLY D 400 1.66 32.56 -9.98
N VAL D 401 2.62 31.67 -10.20
CA VAL D 401 2.40 30.46 -10.94
C VAL D 401 1.87 29.38 -10.00
N SER D 402 1.12 28.44 -10.57
CA SER D 402 0.53 27.31 -9.83
C SER D 402 1.11 25.98 -10.31
N SER D 403 1.29 25.03 -9.39
CA SER D 403 1.81 23.69 -9.71
C SER D 403 1.00 22.58 -9.09
N ARG D 404 0.41 21.72 -9.94
CA ARG D 404 -0.45 20.63 -9.49
C ARG D 404 0.22 19.74 -8.45
N ASN D 405 1.49 19.46 -8.66
CA ASN D 405 2.23 18.49 -7.84
C ASN D 405 2.45 18.83 -6.35
N GLU D 406 3.19 19.93 -6.12
CA GLU D 406 3.88 20.25 -4.84
C GLU D 406 5.29 19.62 -4.75
N ASP D 407 5.34 18.29 -4.88
CA ASP D 407 6.51 17.47 -4.49
C ASP D 407 7.76 17.66 -5.39
N TYR D 408 7.63 18.44 -6.47
CA TYR D 408 8.65 18.57 -7.53
C TYR D 408 10.06 19.00 -7.07
N PRO D 409 11.09 18.53 -7.78
CA PRO D 409 12.48 18.75 -7.43
C PRO D 409 12.87 20.22 -7.38
N ARG D 410 14.04 20.51 -6.77
CA ARG D 410 14.58 21.87 -6.65
C ARG D 410 15.84 22.21 -7.46
N THR D 411 16.51 21.23 -8.05
CA THR D 411 17.64 21.48 -8.97
C THR D 411 17.12 21.93 -10.35
N CYS D 412 17.99 21.87 -11.35
CA CYS D 412 17.59 21.73 -12.76
C CYS D 412 18.80 21.93 -13.64
N ARG D 413 19.27 20.86 -14.27
CA ARG D 413 20.51 20.92 -15.01
C ARG D 413 20.52 22.07 -16.06
N MET D 414 19.38 22.32 -16.71
CA MET D 414 19.34 23.22 -17.89
C MET D 414 17.96 23.94 -18.09
N CYS D 415 17.84 24.78 -19.17
CA CYS D 415 16.55 25.36 -19.71
C CYS D 415 16.64 25.67 -21.23
N PHE D 416 15.51 25.76 -21.93
CA PHE D 416 15.49 26.07 -23.39
C PHE D 416 14.17 26.71 -23.81
N TYR D 417 14.13 27.25 -25.03
CA TYR D 417 12.89 27.87 -25.54
C TYR D 417 11.88 26.91 -26.20
N GLY D 418 10.63 26.91 -25.74
CA GLY D 418 9.57 26.11 -26.38
C GLY D 418 8.28 26.83 -26.80
N THR D 419 7.40 26.10 -27.50
CA THR D 419 6.12 26.62 -28.01
C THR D 419 5.04 25.59 -27.79
N GLY D 420 4.61 25.44 -26.55
CA GLY D 420 3.55 24.51 -26.26
C GLY D 420 2.27 24.81 -27.03
N LEU D 421 1.63 23.78 -27.57
CA LEU D 421 0.37 23.98 -28.29
C LEU D 421 -0.86 23.91 -27.36
N ILE D 422 -1.73 24.90 -27.51
CA ILE D 422 -2.98 25.03 -26.75
C ILE D 422 -4.16 25.34 -27.71
N ALA D 423 -5.37 25.26 -27.18
CA ALA D 423 -6.57 25.48 -27.95
C ALA D 423 -7.74 25.47 -26.97
N GLY D 424 -8.85 26.03 -27.45
CA GLY D 424 -10.11 25.97 -26.73
C GLY D 424 -10.69 24.64 -27.08
N HIS D 425 -11.76 24.28 -26.37
CA HIS D 425 -12.43 22.97 -26.46
C HIS D 425 -12.84 22.56 -27.90
N GLY D 426 -12.92 21.26 -28.10
CA GLY D 426 -13.13 20.69 -29.42
C GLY D 426 -11.98 20.95 -30.37
N PHE D 427 -10.84 21.37 -29.81
CA PHE D 427 -9.64 21.63 -30.59
C PHE D 427 -9.98 22.73 -31.60
N THR D 428 -10.31 23.89 -31.05
CA THR D 428 -10.69 25.04 -31.84
C THR D 428 -9.64 26.14 -31.82
N SER D 429 -9.43 26.77 -32.98
CA SER D 429 -8.50 27.90 -33.09
C SER D 429 -7.16 27.62 -32.34
N PRO D 430 -6.51 26.47 -32.65
CA PRO D 430 -5.26 26.16 -31.97
C PRO D 430 -4.16 27.11 -32.40
N GLU D 431 -3.26 27.43 -31.47
CA GLU D 431 -2.07 28.21 -31.78
C GLU D 431 -0.94 27.89 -30.81
N ARG D 432 0.23 28.46 -31.07
CA ARG D 432 1.42 28.22 -30.24
C ARG D 432 1.65 29.36 -29.27
N THR D 433 1.41 29.12 -27.97
CA THR D 433 1.91 30.01 -26.91
C THR D 433 3.33 29.64 -26.56
N PRO D 434 4.13 30.67 -26.27
CA PRO D 434 5.49 30.42 -25.89
C PRO D 434 5.60 29.82 -24.48
N GLY D 435 6.79 29.28 -24.19
CA GLY D 435 7.17 28.92 -22.83
C GLY D 435 8.65 28.63 -22.66
N VAL D 436 9.00 28.14 -21.48
CA VAL D 436 10.32 27.60 -21.26
C VAL D 436 10.22 26.14 -20.78
N PHE D 437 11.20 25.35 -21.22
CA PHE D 437 11.29 23.93 -20.96
C PHE D 437 12.46 23.72 -20.00
N ILE D 438 12.29 22.82 -19.02
CA ILE D 438 13.18 22.71 -17.84
C ILE D 438 13.61 21.27 -17.55
N LEU D 439 14.89 20.95 -17.70
CA LEU D 439 15.39 19.60 -17.36
C LEU D 439 15.80 19.53 -15.88
N PHE D 440 15.33 18.49 -15.16
CA PHE D 440 15.65 18.26 -13.72
C PHE D 440 16.69 17.12 -13.47
N ASP D 441 16.34 15.92 -13.95
CA ASP D 441 17.09 14.69 -13.78
C ASP D 441 17.32 14.13 -15.17
N GLU D 442 18.01 12.99 -15.28
CA GLU D 442 18.17 12.35 -16.60
C GLU D 442 16.82 12.13 -17.22
N ASP D 443 15.77 12.00 -16.40
CA ASP D 443 14.48 11.77 -16.97
C ASP D 443 13.32 12.32 -16.14
N ARG D 444 13.43 13.59 -15.90
CA ARG D 444 12.30 14.34 -15.40
C ARG D 444 12.50 15.79 -15.91
N PHE D 445 11.41 16.48 -16.22
CA PHE D 445 11.49 17.80 -16.80
C PHE D 445 10.20 18.60 -16.61
N GLY D 446 10.22 19.87 -17.00
CA GLY D 446 9.06 20.74 -16.82
C GLY D 446 8.82 21.67 -17.99
N PHE D 447 7.62 22.23 -18.05
CA PHE D 447 7.34 23.32 -18.96
C PHE D 447 6.47 24.33 -18.22
N VAL D 448 6.88 25.60 -18.24
CA VAL D 448 6.05 26.67 -17.68
C VAL D 448 5.25 27.31 -18.81
N TRP D 449 3.93 27.16 -18.75
CA TRP D 449 3.04 27.70 -19.76
C TRP D 449 2.91 29.16 -19.47
N LEU D 450 3.57 29.96 -20.29
CA LEU D 450 3.59 31.40 -20.07
C LEU D 450 2.16 31.92 -20.00
N GLU D 451 1.44 31.89 -21.11
CA GLU D 451 0.11 32.54 -21.18
C GLU D 451 -0.95 31.92 -20.26
N LEU D 452 -0.54 31.04 -19.35
CA LEU D 452 -1.48 30.36 -18.50
C LEU D 452 -1.06 30.27 -17.03
N LYS D 453 -0.04 31.02 -16.60
CA LYS D 453 0.49 30.88 -15.23
C LYS D 453 0.66 29.43 -14.83
N SER D 454 0.89 28.56 -15.81
CA SER D 454 0.69 27.12 -15.60
C SER D 454 2.00 26.36 -15.83
N PHE D 455 2.25 25.36 -14.97
CA PHE D 455 3.47 24.54 -15.05
C PHE D 455 3.06 23.08 -15.15
N SER D 456 3.59 22.41 -16.16
CA SER D 456 3.40 20.99 -16.34
C SER D 456 4.67 20.22 -15.94
N LEU D 457 4.53 19.27 -15.02
CA LEU D 457 5.64 18.42 -14.61
C LEU D 457 5.52 17.01 -15.30
N TYR D 458 6.64 16.41 -15.72
CA TYR D 458 6.66 15.16 -16.49
C TYR D 458 7.67 14.17 -15.93
N SER D 459 7.36 12.89 -15.74
CA SER D 459 8.45 11.92 -15.41
C SER D 459 8.40 10.67 -16.25
N ARG D 460 9.58 10.11 -16.49
CA ARG D 460 9.74 8.98 -17.40
C ARG D 460 9.00 7.72 -16.93
N VAL D 461 8.37 7.12 -17.93
CA VAL D 461 7.79 5.81 -17.89
C VAL D 461 8.89 4.78 -17.76
N GLN D 462 8.94 4.15 -16.60
CA GLN D 462 10.03 3.22 -16.29
C GLN D 462 9.76 1.85 -16.87
N ALA D 463 8.51 1.60 -17.19
CA ALA D 463 8.13 0.34 -17.77
C ALA D 463 8.91 0.08 -19.10
N THR D 464 9.32 -1.17 -19.33
CA THR D 464 10.05 -1.56 -20.56
C THR D 464 9.06 -2.20 -21.56
N PHE D 465 9.05 -1.71 -22.80
CA PHE D 465 8.09 -2.19 -23.82
C PHE D 465 8.72 -3.13 -24.83
N ARG D 466 7.90 -3.74 -25.69
CA ARG D 466 8.33 -4.80 -26.60
C ARG D 466 7.78 -4.73 -28.04
N ASN D 467 8.60 -5.21 -28.98
CA ASN D 467 8.40 -5.03 -30.42
C ASN D 467 7.86 -3.58 -30.70
N ALA D 468 8.45 -2.56 -30.05
CA ALA D 468 8.03 -1.12 -30.12
C ALA D 468 8.80 -0.16 -31.04
N ASP D 469 9.92 -0.61 -31.61
CA ASP D 469 10.86 0.30 -32.27
C ASP D 469 10.43 0.62 -33.71
N ALA D 470 10.61 1.88 -34.09
CA ALA D 470 10.49 2.24 -35.47
C ALA D 470 11.52 1.44 -36.23
N PRO D 471 11.21 0.97 -37.46
CA PRO D 471 12.29 0.41 -38.28
C PRO D 471 13.38 1.46 -38.54
N SER D 472 13.01 2.50 -39.28
CA SER D 472 13.93 3.57 -39.57
C SER D 472 13.46 4.84 -38.89
N PRO D 473 14.32 5.87 -38.86
CA PRO D 473 13.94 7.18 -38.35
C PRO D 473 12.97 7.99 -39.24
N GLN D 474 12.62 7.48 -40.42
CA GLN D 474 11.62 8.15 -41.28
C GLN D 474 10.30 7.34 -41.32
N ALA D 475 10.34 6.15 -40.71
CA ALA D 475 9.13 5.35 -40.43
C ALA D 475 8.39 5.89 -39.20
N PHE D 476 9.17 6.45 -38.29
CA PHE D 476 8.67 7.21 -37.16
C PHE D 476 8.00 8.47 -37.65
N ASP D 477 8.74 9.32 -38.38
CA ASP D 477 8.21 10.61 -38.86
C ASP D 477 6.90 10.44 -39.64
N GLU D 478 6.77 9.38 -40.43
CA GLU D 478 5.47 9.02 -41.04
C GLU D 478 4.41 8.82 -39.97
N MET D 479 4.70 7.93 -39.04
CA MET D 479 3.80 7.58 -37.96
C MET D 479 3.31 8.82 -37.19
N LEU D 480 4.25 9.69 -36.87
CA LEU D 480 3.92 10.92 -36.16
C LEU D 480 2.86 11.70 -36.91
N LYS D 481 3.05 11.79 -38.23
CA LYS D 481 2.23 12.66 -39.03
C LYS D 481 0.89 12.05 -39.27
N ASN D 482 0.79 10.72 -39.18
CA ASN D 482 -0.53 10.05 -39.39
C ASN D 482 -1.43 10.08 -38.17
N ILE D 483 -0.88 9.77 -36.99
CA ILE D 483 -1.67 9.93 -35.77
C ILE D 483 -2.15 11.39 -35.65
N GLN D 484 -1.30 12.32 -36.08
CA GLN D 484 -1.60 13.74 -36.03
C GLN D 484 -2.72 14.09 -37.01
N SER D 485 -2.70 13.46 -38.17
CA SER D 485 -3.78 13.63 -39.11
C SER D 485 -5.03 12.86 -38.60
N LEU D 486 -4.84 11.74 -37.91
CA LEU D 486 -5.98 10.98 -37.43
C LEU D 486 -6.92 11.85 -36.62
N THR D 487 -6.34 12.71 -35.76
CA THR D 487 -7.09 13.59 -34.81
C THR D 487 -7.00 15.10 -35.15
N SER D 488 -6.77 15.41 -36.41
CA SER D 488 -6.75 16.81 -36.84
C SER D 488 -8.19 17.28 -37.09
#